data_4QNN
#
_entry.id   4QNN
#
_cell.length_a   57.276
_cell.length_b   70.147
_cell.length_c   81.724
_cell.angle_alpha   107.14
_cell.angle_beta   109.99
_cell.angle_gamma   100.90
#
_symmetry.space_group_name_H-M   'P 1'
#
loop_
_entity.id
_entity.type
_entity.pdbx_description
1 polymer 'Phospholipase A 1  from hornet(Vespa basalis) venom'
2 non-polymer 'CHLORIDE ION'
3 non-polymer 'MERCURY (II) ION'
4 water water
#
_entity_poly.entity_id   1
_entity_poly.type   'polypeptide(L)'
_entity_poly.pdbx_seq_one_letter_code
;FNPCPYSDDTVKMIILTRENKKHDFYTLDTIKKHNEFKKSTIKHQVVFITHGFTSSADTENFLAMAKALSDKGNYLVILI
DWRVAACTEEMSGIQLAYYSYAASNTRLVGNYIATVTKMLVQKYNVPMANIRLIGHSLGAHTSGFAGKKVQELGLGKYSE
IIGLDPAGPSFKSNDCSERICKTDAHYVQIIHTSNHLGTLVTLGTVDFMNNGYNQPGCGLPLIGETCSHTRAVKYFTECI
KHECCLIGVPQSKKPQPVSKCTRNECVCVGLNAKTYPKTGSFYVPVESKAPYCNNKGKII
;
_entity_poly.pdbx_strand_id   A,B,C,D
#
loop_
_chem_comp.id
_chem_comp.type
_chem_comp.name
_chem_comp.formula
CL non-polymer 'CHLORIDE ION' 'Cl -1'
HG non-polymer 'MERCURY (II) ION' 'Hg 2'
#
# COMPACT_ATOMS: atom_id res chain seq x y z
N PRO A 3 -31.01 29.30 23.11
CA PRO A 3 -30.03 28.47 23.87
C PRO A 3 -29.75 27.17 23.11
N CYS A 4 -28.78 27.22 22.19
CA CYS A 4 -28.44 26.05 21.40
C CYS A 4 -29.72 25.67 20.60
N PRO A 5 -30.36 26.68 19.97
CA PRO A 5 -31.58 26.73 19.16
C PRO A 5 -31.66 26.06 17.82
N TYR A 6 -32.89 25.75 17.42
CA TYR A 6 -33.14 25.12 16.13
C TYR A 6 -33.94 25.96 15.15
N SER A 7 -33.63 25.77 13.88
CA SER A 7 -34.30 26.48 12.81
C SER A 7 -33.88 25.86 11.50
N ASP A 8 -34.85 25.68 10.62
CA ASP A 8 -34.53 25.13 9.31
C ASP A 8 -33.39 25.89 8.64
N ASP A 9 -33.45 27.23 8.65
CA ASP A 9 -32.41 28.02 8.01
C ASP A 9 -31.03 27.60 8.48
N THR A 10 -30.94 27.29 9.77
CA THR A 10 -29.69 26.92 10.40
C THR A 10 -29.14 25.54 10.02
N VAL A 11 -30.01 24.65 9.56
CA VAL A 11 -29.58 23.32 9.16
C VAL A 11 -28.96 23.39 7.77
N LYS A 12 -27.80 22.77 7.62
CA LYS A 12 -27.12 22.74 6.34
C LYS A 12 -26.75 21.30 5.94
N MET A 13 -26.50 21.09 4.66
CA MET A 13 -26.14 19.79 4.13
C MET A 13 -24.87 19.87 3.30
N ILE A 14 -24.18 18.76 3.22
CA ILE A 14 -23.01 18.62 2.40
C ILE A 14 -23.48 17.53 1.42
N ILE A 15 -23.41 17.80 0.11
CA ILE A 15 -23.84 16.84 -0.90
C ILE A 15 -22.63 16.24 -1.62
N LEU A 16 -22.41 14.94 -1.49
CA LEU A 16 -21.26 14.35 -2.14
C LEU A 16 -21.59 13.21 -3.10
N THR A 17 -21.02 13.30 -4.30
CA THR A 17 -21.14 12.26 -5.33
C THR A 17 -19.74 12.03 -5.80
N ARG A 18 -19.49 10.87 -6.37
CA ARG A 18 -18.18 10.53 -6.87
C ARG A 18 -17.59 11.77 -7.60
N GLU A 19 -18.40 12.43 -8.41
CA GLU A 19 -17.96 13.61 -9.14
C GLU A 19 -18.49 14.92 -8.56
N ASN A 20 -18.32 15.12 -7.26
CA ASN A 20 -18.81 16.33 -6.61
C ASN A 20 -18.40 16.30 -5.15
N LYS A 21 -17.10 16.39 -4.93
CA LYS A 21 -16.59 16.37 -3.56
C LYS A 21 -16.56 17.78 -2.96
N LYS A 22 -17.20 18.73 -3.63
CA LYS A 22 -17.22 20.09 -3.13
C LYS A 22 -17.73 20.05 -1.69
N HIS A 23 -16.86 20.32 -0.72
CA HIS A 23 -17.30 20.33 0.68
C HIS A 23 -18.05 21.63 0.95
N ASP A 24 -19.07 21.92 0.16
CA ASP A 24 -19.84 23.13 0.37
C ASP A 24 -21.10 22.77 1.11
N PHE A 25 -21.68 23.75 1.77
CA PHE A 25 -22.91 23.54 2.50
C PHE A 25 -24.03 24.09 1.66
N TYR A 26 -25.19 23.47 1.75
CA TYR A 26 -26.32 23.95 1.01
C TYR A 26 -27.46 24.03 1.98
N THR A 27 -28.52 24.75 1.62
CA THR A 27 -29.70 24.83 2.49
C THR A 27 -30.92 24.46 1.69
N LEU A 28 -32.08 24.43 2.32
CA LEU A 28 -33.27 24.10 1.56
C LEU A 28 -33.39 25.06 0.38
N ASP A 29 -32.79 26.23 0.51
CA ASP A 29 -32.84 27.21 -0.55
C ASP A 29 -31.79 26.94 -1.63
N THR A 30 -30.54 26.84 -1.20
CA THR A 30 -29.44 26.62 -2.13
C THR A 30 -29.18 25.18 -2.61
N ILE A 31 -30.00 24.24 -2.16
CA ILE A 31 -29.78 22.85 -2.57
C ILE A 31 -29.93 22.70 -4.09
N LYS A 32 -30.95 23.33 -4.65
CA LYS A 32 -31.21 23.22 -6.08
C LYS A 32 -30.05 23.67 -6.97
N LYS A 33 -29.13 24.44 -6.40
CA LYS A 33 -27.97 24.93 -7.13
C LYS A 33 -26.88 23.88 -7.28
N HIS A 34 -27.09 22.70 -6.69
CA HIS A 34 -26.11 21.62 -6.75
C HIS A 34 -26.21 20.92 -8.09
N ASN A 35 -25.08 20.49 -8.64
CA ASN A 35 -25.09 19.80 -9.93
C ASN A 35 -26.12 18.67 -9.90
N GLU A 36 -25.82 17.64 -9.11
CA GLU A 36 -26.67 16.47 -8.99
C GLU A 36 -28.14 16.82 -8.83
N PHE A 37 -28.43 18.02 -8.36
CA PHE A 37 -29.82 18.45 -8.17
C PHE A 37 -30.40 19.32 -9.27
N LYS A 38 -29.69 19.40 -10.40
CA LYS A 38 -30.16 20.18 -11.52
C LYS A 38 -30.92 19.25 -12.45
N LYS A 39 -30.62 17.96 -12.34
CA LYS A 39 -31.28 16.97 -13.16
C LYS A 39 -32.79 16.98 -12.81
N SER A 40 -33.59 16.25 -13.57
CA SER A 40 -35.02 16.18 -13.29
C SER A 40 -35.26 14.94 -12.45
N THR A 41 -34.26 14.08 -12.41
CA THR A 41 -34.31 12.86 -11.64
C THR A 41 -32.94 12.60 -11.09
N ILE A 42 -32.90 11.89 -9.97
CA ILE A 42 -31.64 11.52 -9.34
C ILE A 42 -31.66 10.00 -9.35
N LYS A 43 -30.76 9.41 -10.10
CA LYS A 43 -30.71 7.97 -10.22
C LYS A 43 -29.88 7.29 -9.13
N HIS A 44 -29.00 8.04 -8.49
CA HIS A 44 -28.14 7.50 -7.45
C HIS A 44 -28.94 6.86 -6.33
N GLN A 45 -28.24 6.05 -5.56
CA GLN A 45 -28.77 5.45 -4.35
C GLN A 45 -28.41 6.64 -3.43
N VAL A 46 -29.32 7.05 -2.55
CA VAL A 46 -29.11 8.16 -1.65
C VAL A 46 -28.95 7.81 -0.17
N VAL A 47 -28.00 8.44 0.50
CA VAL A 47 -27.83 8.16 1.91
C VAL A 47 -27.60 9.39 2.75
N PHE A 48 -28.37 9.55 3.81
CA PHE A 48 -28.18 10.68 4.73
C PHE A 48 -27.25 10.20 5.88
N ILE A 49 -26.39 11.11 6.35
CA ILE A 49 -25.51 10.84 7.45
C ILE A 49 -25.68 12.04 8.35
N THR A 50 -26.15 11.78 9.57
CA THR A 50 -26.44 12.83 10.57
C THR A 50 -25.57 12.59 11.81
N HIS A 51 -24.90 13.63 12.30
CA HIS A 51 -24.04 13.54 13.49
C HIS A 51 -24.91 13.69 14.71
N GLY A 52 -24.30 13.56 15.88
CA GLY A 52 -25.03 13.74 17.14
C GLY A 52 -24.51 14.89 18.04
N PHE A 53 -24.79 14.79 19.34
CA PHE A 53 -24.40 15.82 20.32
C PHE A 53 -23.03 16.48 20.09
N THR A 54 -23.02 17.82 20.14
CA THR A 54 -21.80 18.63 19.98
C THR A 54 -20.84 18.16 18.87
N SER A 55 -21.39 17.92 17.70
CA SER A 55 -20.57 17.43 16.59
C SER A 55 -20.94 18.19 15.35
N SER A 56 -20.41 17.77 14.22
CA SER A 56 -20.69 18.42 12.94
C SER A 56 -20.47 17.48 11.75
N ALA A 57 -21.09 17.86 10.64
CA ALA A 57 -21.03 17.07 9.42
C ALA A 57 -19.63 16.89 8.88
N ASP A 58 -18.81 17.92 9.02
CA ASP A 58 -17.48 17.86 8.47
C ASP A 58 -16.38 17.36 9.37
N THR A 59 -16.67 16.37 10.20
CA THR A 59 -15.62 15.86 11.07
C THR A 59 -14.92 14.79 10.28
N GLU A 60 -13.76 14.36 10.74
CA GLU A 60 -13.02 13.38 9.99
C GLU A 60 -13.76 12.06 9.74
N ASN A 61 -14.27 11.43 10.81
CA ASN A 61 -14.99 10.16 10.71
C ASN A 61 -16.18 10.16 9.78
N PHE A 62 -16.95 11.22 9.80
CA PHE A 62 -18.11 11.27 8.94
C PHE A 62 -17.76 11.46 7.46
N LEU A 63 -16.75 12.27 7.17
CA LEU A 63 -16.36 12.50 5.79
C LEU A 63 -15.73 11.20 5.22
N ALA A 64 -15.00 10.48 6.07
CA ALA A 64 -14.43 9.21 5.66
C ALA A 64 -15.54 8.24 5.29
N MET A 65 -16.68 8.37 5.95
CA MET A 65 -17.80 7.48 5.71
C MET A 65 -18.45 7.90 4.43
N ALA A 66 -18.68 9.20 4.28
CA ALA A 66 -19.27 9.71 3.06
C ALA A 66 -18.45 9.21 1.89
N LYS A 67 -17.13 9.38 1.99
CA LYS A 67 -16.21 8.97 0.94
C LYS A 67 -16.25 7.47 0.67
N ALA A 68 -16.34 6.66 1.72
CA ALA A 68 -16.36 5.22 1.53
C ALA A 68 -17.62 4.74 0.79
N LEU A 69 -18.68 5.52 0.87
CA LEU A 69 -19.92 5.19 0.17
C LEU A 69 -19.82 5.63 -1.28
N SER A 70 -19.58 6.91 -1.48
CA SER A 70 -19.46 7.50 -2.81
C SER A 70 -18.48 6.72 -3.65
N ASP A 71 -17.47 6.15 -3.02
CA ASP A 71 -16.50 5.38 -3.78
C ASP A 71 -17.10 4.08 -4.31
N LYS A 72 -18.37 3.82 -3.92
CA LYS A 72 -19.08 2.63 -4.39
C LYS A 72 -19.92 2.88 -5.67
N GLY A 73 -19.58 3.92 -6.43
CA GLY A 73 -20.28 4.17 -7.67
C GLY A 73 -21.61 4.90 -7.68
N ASN A 74 -22.72 4.23 -7.34
CA ASN A 74 -24.01 4.93 -7.44
C ASN A 74 -24.63 5.48 -6.15
N TYR A 75 -23.86 6.31 -5.42
CA TYR A 75 -24.28 6.91 -4.14
C TYR A 75 -24.12 8.44 -3.99
N LEU A 76 -25.25 9.11 -3.75
CA LEU A 76 -25.29 10.54 -3.49
C LEU A 76 -25.39 10.59 -1.96
N VAL A 77 -24.35 11.11 -1.31
CA VAL A 77 -24.31 11.21 0.15
C VAL A 77 -24.68 12.61 0.61
N ILE A 78 -25.71 12.71 1.44
CA ILE A 78 -26.15 13.98 2.01
C ILE A 78 -25.80 13.96 3.51
N LEU A 79 -24.85 14.79 3.94
CA LEU A 79 -24.48 14.87 5.36
C LEU A 79 -25.26 15.98 6.05
N ILE A 80 -26.06 15.63 7.06
CA ILE A 80 -26.88 16.64 7.75
C ILE A 80 -26.11 17.30 8.89
N ASP A 81 -25.90 18.61 8.74
CA ASP A 81 -25.16 19.39 9.74
C ASP A 81 -26.17 20.24 10.52
N TRP A 82 -26.27 20.04 11.83
CA TRP A 82 -27.19 20.84 12.62
C TRP A 82 -26.47 21.23 13.90
N ARG A 83 -25.19 21.52 13.76
CA ARG A 83 -24.32 21.83 14.90
C ARG A 83 -24.87 22.72 15.98
N VAL A 84 -25.60 23.77 15.59
CA VAL A 84 -26.17 24.71 16.56
C VAL A 84 -27.26 24.02 17.40
N ALA A 85 -28.21 23.38 16.76
CA ALA A 85 -29.24 22.71 17.54
C ALA A 85 -28.66 21.52 18.31
N ALA A 86 -27.42 21.13 18.01
CA ALA A 86 -26.78 20.01 18.70
C ALA A 86 -25.82 20.55 19.76
N CYS A 87 -25.91 21.87 19.96
CA CYS A 87 -25.10 22.60 20.93
C CYS A 87 -23.61 22.60 20.65
N THR A 88 -23.21 22.41 19.42
CA THR A 88 -21.79 22.38 19.15
C THR A 88 -21.17 23.76 19.22
N GLU A 89 -21.91 24.75 18.75
CA GLU A 89 -21.35 26.08 18.73
C GLU A 89 -21.39 26.91 20.01
N GLU A 90 -21.38 26.28 21.18
CA GLU A 90 -21.40 27.08 22.40
C GLU A 90 -20.95 26.42 23.69
N MET A 91 -20.62 25.13 23.60
CA MET A 91 -20.15 24.32 24.75
C MET A 91 -19.59 25.21 25.87
N SER A 92 -20.48 25.66 26.74
CA SER A 92 -20.06 26.53 27.82
C SER A 92 -20.68 26.20 29.18
N GLY A 93 -20.10 25.18 29.82
CA GLY A 93 -20.56 24.76 31.12
C GLY A 93 -21.41 23.53 31.25
N ILE A 94 -22.63 23.76 31.73
CA ILE A 94 -23.66 22.75 32.00
C ILE A 94 -24.00 21.74 30.89
N GLN A 95 -23.26 20.64 30.85
CA GLN A 95 -23.50 19.65 29.81
C GLN A 95 -24.91 19.05 29.85
N LEU A 96 -25.30 18.54 31.00
CA LEU A 96 -26.61 17.91 31.10
C LEU A 96 -27.76 18.81 30.61
N ALA A 97 -27.65 20.12 30.75
CA ALA A 97 -28.74 20.93 30.24
C ALA A 97 -28.60 21.00 28.73
N TYR A 98 -27.41 21.33 28.25
CA TYR A 98 -27.27 21.43 26.81
C TYR A 98 -27.77 20.14 26.13
N TYR A 99 -27.24 18.97 26.55
CA TYR A 99 -27.62 17.68 25.99
C TYR A 99 -29.13 17.55 25.99
N SER A 100 -29.77 18.14 26.99
CA SER A 100 -31.22 18.11 27.08
C SER A 100 -31.83 18.84 25.90
N TYR A 101 -31.27 19.99 25.53
CA TYR A 101 -31.81 20.75 24.40
C TYR A 101 -31.55 20.04 23.08
N ALA A 102 -30.33 19.54 22.86
CA ALA A 102 -30.03 18.88 21.60
C ALA A 102 -30.95 17.69 21.41
N ALA A 103 -31.22 16.95 22.48
CA ALA A 103 -32.11 15.81 22.42
C ALA A 103 -33.49 16.28 21.99
N SER A 104 -33.94 17.38 22.54
CA SER A 104 -35.22 17.92 22.18
C SER A 104 -35.26 18.28 20.69
N ASN A 105 -34.20 18.87 20.17
CA ASN A 105 -34.17 19.26 18.76
C ASN A 105 -34.13 18.07 17.77
N THR A 106 -33.82 16.86 18.26
CA THR A 106 -33.75 15.73 17.35
C THR A 106 -34.97 15.51 16.47
N ARG A 107 -36.17 15.73 17.00
CA ARG A 107 -37.33 15.53 16.17
C ARG A 107 -37.40 16.63 15.11
N LEU A 108 -37.03 17.85 15.48
CA LEU A 108 -37.06 18.94 14.52
C LEU A 108 -36.17 18.57 13.31
N VAL A 109 -34.91 18.20 13.57
CA VAL A 109 -33.93 17.83 12.53
C VAL A 109 -34.43 16.62 11.74
N GLY A 110 -35.14 15.72 12.43
CA GLY A 110 -35.71 14.58 11.76
C GLY A 110 -36.70 15.11 10.74
N ASN A 111 -37.57 16.03 11.16
CA ASN A 111 -38.57 16.61 10.25
C ASN A 111 -37.89 17.23 9.07
N TYR A 112 -36.78 17.90 9.32
CA TYR A 112 -36.05 18.50 8.22
C TYR A 112 -35.70 17.38 7.21
N ILE A 113 -35.01 16.33 7.68
CA ILE A 113 -34.59 15.20 6.85
C ILE A 113 -35.75 14.64 6.05
N ALA A 114 -36.89 14.50 6.71
CA ALA A 114 -38.12 14.00 6.11
C ALA A 114 -38.60 14.95 5.00
N THR A 115 -38.36 16.24 5.17
CA THR A 115 -38.77 17.22 4.19
C THR A 115 -37.89 17.11 2.95
N VAL A 116 -36.59 16.94 3.18
CA VAL A 116 -35.70 16.76 2.06
C VAL A 116 -36.09 15.47 1.29
N THR A 117 -36.50 14.44 2.04
CA THR A 117 -36.86 13.15 1.47
C THR A 117 -38.10 13.25 0.60
N LYS A 118 -39.11 13.97 1.07
CA LYS A 118 -40.36 14.17 0.33
C LYS A 118 -40.05 14.83 -1.03
N MET A 119 -39.06 15.72 -1.04
CA MET A 119 -38.66 16.36 -2.29
C MET A 119 -37.98 15.33 -3.19
N LEU A 120 -36.96 14.65 -2.66
CA LEU A 120 -36.27 13.60 -3.42
C LEU A 120 -37.30 12.65 -4.07
N VAL A 121 -38.33 12.35 -3.32
CA VAL A 121 -39.35 11.43 -3.75
C VAL A 121 -40.28 12.01 -4.79
N GLN A 122 -40.92 13.12 -4.42
CA GLN A 122 -41.88 13.75 -5.30
C GLN A 122 -41.35 14.57 -6.49
N LYS A 123 -40.19 15.21 -6.35
CA LYS A 123 -39.69 16.02 -7.44
C LYS A 123 -38.46 15.44 -8.17
N TYR A 124 -37.82 14.42 -7.59
CA TYR A 124 -36.66 13.82 -8.26
C TYR A 124 -36.87 12.32 -8.51
N ASN A 125 -38.08 11.87 -8.27
CA ASN A 125 -38.44 10.47 -8.48
C ASN A 125 -37.44 9.48 -7.88
N VAL A 126 -37.00 9.74 -6.66
CA VAL A 126 -36.10 8.82 -5.96
C VAL A 126 -37.00 7.91 -5.12
N PRO A 127 -37.03 6.61 -5.44
CA PRO A 127 -37.93 5.85 -4.60
C PRO A 127 -37.36 5.58 -3.19
N MET A 128 -38.25 5.46 -2.23
CA MET A 128 -37.87 5.19 -0.83
C MET A 128 -36.92 3.98 -0.75
N ALA A 129 -37.11 3.04 -1.67
CA ALA A 129 -36.33 1.83 -1.74
C ALA A 129 -34.87 2.18 -1.93
N ASN A 130 -34.62 3.35 -2.50
CA ASN A 130 -33.26 3.79 -2.75
C ASN A 130 -32.66 4.72 -1.68
N ILE A 131 -33.37 4.96 -0.59
CA ILE A 131 -32.86 5.87 0.43
C ILE A 131 -32.59 5.20 1.77
N ARG A 132 -31.47 5.62 2.36
CA ARG A 132 -31.01 5.13 3.65
C ARG A 132 -30.64 6.29 4.55
N LEU A 133 -30.87 6.11 5.85
CA LEU A 133 -30.48 7.11 6.83
C LEU A 133 -29.44 6.49 7.74
N ILE A 134 -28.38 7.25 7.99
CA ILE A 134 -27.34 6.80 8.91
C ILE A 134 -27.18 7.87 9.95
N GLY A 135 -27.30 7.49 11.22
CA GLY A 135 -27.17 8.46 12.29
C GLY A 135 -26.39 7.97 13.49
N HIS A 136 -25.61 8.87 14.10
CA HIS A 136 -24.82 8.55 15.30
C HIS A 136 -25.39 9.27 16.54
N SER A 137 -25.35 8.58 17.69
CA SER A 137 -25.88 9.04 19.01
C SER A 137 -27.21 9.81 18.83
N LEU A 138 -27.27 11.12 19.07
CA LEU A 138 -28.53 11.80 18.87
C LEU A 138 -28.97 11.69 17.41
N GLY A 139 -27.98 11.56 16.53
CA GLY A 139 -28.26 11.46 15.10
C GLY A 139 -29.03 10.22 14.76
N ALA A 140 -28.88 9.19 15.57
CA ALA A 140 -29.61 7.94 15.35
C ALA A 140 -31.11 8.18 15.62
N HIS A 141 -31.42 8.86 16.72
CA HIS A 141 -32.80 9.13 17.04
C HIS A 141 -33.43 10.11 16.06
N THR A 142 -32.63 11.07 15.61
CA THR A 142 -33.10 12.06 14.62
C THR A 142 -33.54 11.30 13.38
N SER A 143 -32.69 10.35 13.00
CA SER A 143 -32.92 9.52 11.85
C SER A 143 -34.19 8.73 12.01
N GLY A 144 -34.40 8.17 13.20
CA GLY A 144 -35.61 7.44 13.48
C GLY A 144 -36.80 8.41 13.47
N PHE A 145 -36.63 9.65 13.89
CA PHE A 145 -37.77 10.55 13.84
C PHE A 145 -38.16 10.84 12.41
N ALA A 146 -37.17 10.93 11.54
CA ALA A 146 -37.42 11.15 10.13
C ALA A 146 -38.16 9.96 9.55
N GLY A 147 -37.87 8.78 10.07
CA GLY A 147 -38.50 7.59 9.60
C GLY A 147 -39.97 7.61 9.92
N LYS A 148 -40.30 8.11 11.10
CA LYS A 148 -41.69 8.20 11.53
C LYS A 148 -42.41 9.22 10.69
N LYS A 149 -41.79 10.38 10.54
CA LYS A 149 -42.33 11.48 9.76
C LYS A 149 -42.69 11.11 8.31
N VAL A 150 -41.81 10.38 7.62
CA VAL A 150 -42.07 9.99 6.24
C VAL A 150 -43.31 9.07 6.14
N GLN A 151 -43.51 8.25 7.16
CA GLN A 151 -44.66 7.39 7.16
C GLN A 151 -45.87 8.25 7.38
N GLU A 152 -45.70 9.30 8.19
CA GLU A 152 -46.78 10.23 8.43
C GLU A 152 -47.06 11.02 7.14
N LEU A 153 -46.02 11.31 6.39
CA LEU A 153 -46.19 12.04 5.16
C LEU A 153 -46.75 11.23 4.01
N GLY A 154 -47.17 10.01 4.28
CA GLY A 154 -47.72 9.16 3.24
C GLY A 154 -46.69 8.72 2.21
N LEU A 155 -45.41 8.71 2.54
CA LEU A 155 -44.35 8.30 1.62
C LEU A 155 -43.97 6.82 1.64
N GLY A 156 -44.42 6.13 2.68
CA GLY A 156 -44.05 4.73 2.88
C GLY A 156 -42.79 4.71 3.75
N LYS A 157 -42.13 3.57 3.89
CA LYS A 157 -40.93 3.51 4.73
C LYS A 157 -39.57 3.69 4.00
N TYR A 158 -38.54 4.05 4.77
CA TYR A 158 -37.19 4.16 4.22
C TYR A 158 -36.77 2.71 4.15
N SER A 159 -35.98 2.38 3.14
CA SER A 159 -35.52 1.00 2.98
C SER A 159 -34.72 0.56 4.21
N GLU A 160 -33.91 1.45 4.76
CA GLU A 160 -33.11 1.09 5.90
C GLU A 160 -32.72 2.32 6.68
N ILE A 161 -32.55 2.13 7.99
CA ILE A 161 -32.05 3.15 8.87
C ILE A 161 -31.00 2.42 9.69
N ILE A 162 -29.80 2.99 9.72
CA ILE A 162 -28.67 2.42 10.44
C ILE A 162 -28.37 3.29 11.65
N GLY A 163 -28.46 2.69 12.85
CA GLY A 163 -28.25 3.45 14.07
C GLY A 163 -26.91 3.14 14.69
N LEU A 164 -26.04 4.14 14.70
CA LEU A 164 -24.72 3.94 15.24
C LEU A 164 -24.67 4.44 16.70
N ASP A 165 -24.52 3.46 17.60
CA ASP A 165 -24.45 3.67 19.04
C ASP A 165 -25.43 4.74 19.46
N PRO A 166 -26.74 4.50 19.26
CA PRO A 166 -27.85 5.39 19.59
C PRO A 166 -27.70 5.95 21.01
N ALA A 167 -27.90 7.26 21.18
CA ALA A 167 -27.76 7.87 22.52
C ALA A 167 -28.68 7.18 23.53
N GLY A 168 -28.13 6.86 24.70
CA GLY A 168 -28.89 6.17 25.72
C GLY A 168 -29.65 7.08 26.65
N PRO A 169 -28.96 8.03 27.30
CA PRO A 169 -29.64 8.95 28.22
C PRO A 169 -30.72 9.74 27.48
N SER A 170 -31.92 9.77 28.08
CA SER A 170 -33.10 10.48 27.55
C SER A 170 -33.85 9.70 26.46
N PHE A 171 -33.46 8.46 26.22
CA PHE A 171 -34.12 7.63 25.19
C PHE A 171 -34.26 6.18 25.60
N LYS A 172 -33.22 5.65 26.24
CA LYS A 172 -33.17 4.26 26.70
C LYS A 172 -34.53 3.62 26.98
N SER A 173 -35.34 4.26 27.80
CA SER A 173 -36.61 3.65 28.14
C SER A 173 -37.86 4.34 27.60
N ASN A 174 -37.75 4.95 26.43
CA ASN A 174 -38.89 5.60 25.84
C ASN A 174 -39.80 4.65 25.08
N ASP A 175 -40.97 5.17 24.73
CA ASP A 175 -41.91 4.45 23.95
C ASP A 175 -41.31 4.49 22.53
N CYS A 176 -41.68 3.52 21.73
CA CYS A 176 -41.21 3.42 20.37
C CYS A 176 -41.38 4.73 19.63
N SER A 177 -42.37 5.53 20.01
CA SER A 177 -42.58 6.78 19.30
C SER A 177 -41.62 7.90 19.63
N GLU A 178 -40.86 7.79 20.69
CA GLU A 178 -39.96 8.89 21.03
C GLU A 178 -38.47 8.49 21.01
N ARG A 179 -38.09 7.60 20.10
CA ARG A 179 -36.71 7.13 19.99
C ARG A 179 -36.58 6.36 18.71
N ILE A 180 -35.37 6.01 18.31
CA ILE A 180 -35.20 5.25 17.11
C ILE A 180 -35.88 3.97 17.49
N CYS A 181 -36.56 3.35 16.53
CA CYS A 181 -37.31 2.14 16.80
C CYS A 181 -37.31 1.17 15.61
N LYS A 182 -37.45 -0.12 15.90
CA LYS A 182 -37.42 -1.13 14.84
C LYS A 182 -38.50 -0.98 13.76
N THR A 183 -39.52 -0.15 14.00
CA THR A 183 -40.54 0.09 12.99
C THR A 183 -40.29 1.36 12.19
N ASP A 184 -39.16 2.02 12.40
CA ASP A 184 -38.90 3.27 11.67
C ASP A 184 -38.49 3.14 10.19
N ALA A 185 -38.13 1.94 9.72
CA ALA A 185 -37.78 1.72 8.32
C ALA A 185 -38.00 0.26 8.05
N HIS A 186 -37.90 -0.14 6.79
CA HIS A 186 -38.10 -1.54 6.48
C HIS A 186 -37.07 -2.41 7.19
N TYR A 187 -35.86 -1.88 7.34
CA TYR A 187 -34.85 -2.59 8.09
C TYR A 187 -34.17 -1.59 9.01
N VAL A 188 -33.92 -1.96 10.25
CA VAL A 188 -33.25 -1.05 11.19
C VAL A 188 -32.07 -1.78 11.78
N GLN A 189 -30.89 -1.25 11.49
CA GLN A 189 -29.64 -1.86 11.92
C GLN A 189 -28.96 -1.02 13.01
N ILE A 190 -28.81 -1.61 14.19
CA ILE A 190 -28.21 -0.90 15.29
C ILE A 190 -26.85 -1.45 15.67
N ILE A 191 -25.91 -0.52 15.87
CA ILE A 191 -24.55 -0.88 16.29
C ILE A 191 -24.40 -0.36 17.71
N HIS A 192 -24.10 -1.29 18.60
CA HIS A 192 -23.93 -0.95 20.01
C HIS A 192 -22.44 -0.97 20.36
N THR A 193 -21.92 0.12 20.94
CA THR A 193 -20.48 0.19 21.30
C THR A 193 -20.16 0.79 22.70
N SER A 194 -21.08 1.58 23.25
CA SER A 194 -20.87 2.17 24.58
C SER A 194 -22.16 2.07 25.40
N ASN A 195 -22.04 1.78 26.69
CA ASN A 195 -23.23 1.60 27.50
C ASN A 195 -23.65 2.75 28.43
N HIS A 196 -22.91 3.86 28.42
CA HIS A 196 -23.30 5.02 29.23
C HIS A 196 -23.74 6.15 28.34
N LEU A 197 -23.03 6.37 27.23
CA LEU A 197 -23.38 7.39 26.27
C LEU A 197 -24.40 6.73 25.34
N GLY A 198 -24.17 5.42 25.11
CA GLY A 198 -25.07 4.61 24.31
C GLY A 198 -25.96 3.83 25.27
N THR A 199 -26.61 2.76 24.78
CA THR A 199 -27.50 1.93 25.58
C THR A 199 -27.53 0.50 25.06
N LEU A 200 -27.56 -0.47 25.96
CA LEU A 200 -27.60 -1.87 25.56
C LEU A 200 -29.00 -2.29 25.16
N VAL A 201 -29.99 -1.48 25.46
CA VAL A 201 -31.34 -1.83 25.11
C VAL A 201 -31.46 -2.10 23.62
N THR A 202 -32.25 -3.12 23.24
CA THR A 202 -32.42 -3.41 21.83
C THR A 202 -33.31 -2.39 21.15
N LEU A 203 -32.88 -1.98 19.97
CA LEU A 203 -33.59 -0.95 19.22
C LEU A 203 -33.91 -1.25 17.78
N GLY A 204 -33.38 -2.33 17.24
CA GLY A 204 -33.67 -2.57 15.83
C GLY A 204 -34.15 -3.92 15.34
N THR A 205 -34.04 -4.10 14.04
CA THR A 205 -34.42 -5.33 13.45
C THR A 205 -33.28 -6.24 13.89
N VAL A 206 -32.07 -5.71 13.82
CA VAL A 206 -30.91 -6.44 14.29
C VAL A 206 -30.15 -5.51 15.20
N ASP A 207 -29.58 -6.07 16.24
CA ASP A 207 -28.77 -5.30 17.16
C ASP A 207 -27.42 -5.97 17.30
N PHE A 208 -26.42 -5.29 16.79
CA PHE A 208 -25.05 -5.76 16.88
C PHE A 208 -24.41 -5.25 18.17
N MET A 209 -23.92 -6.19 18.96
CA MET A 209 -23.27 -5.88 20.23
C MET A 209 -21.77 -6.13 20.09
N ASN A 210 -21.09 -5.08 19.69
CA ASN A 210 -19.66 -5.09 19.54
C ASN A 210 -19.28 -5.09 21.05
N ASN A 211 -19.78 -6.13 21.74
CA ASN A 211 -19.64 -6.44 23.19
C ASN A 211 -20.89 -6.17 24.14
N GLY A 212 -21.52 -4.98 24.20
CA GLY A 212 -21.18 -3.78 23.46
C GLY A 212 -20.91 -2.55 24.37
N TYR A 213 -19.70 -2.53 24.93
CA TYR A 213 -19.20 -1.44 25.79
C TYR A 213 -17.67 -1.55 25.93
N ASN A 214 -17.03 -0.56 26.52
CA ASN A 214 -15.57 -0.55 26.71
C ASN A 214 -14.80 -1.07 25.51
N GLN A 215 -14.91 -0.36 24.37
CA GLN A 215 -14.21 -0.78 23.15
C GLN A 215 -12.70 -1.01 23.31
N PRO A 216 -12.20 -2.18 22.86
CA PRO A 216 -10.79 -2.49 22.95
C PRO A 216 -9.93 -1.46 22.20
N GLY A 217 -8.92 -0.94 22.88
CA GLY A 217 -8.04 0.04 22.28
C GLY A 217 -8.54 1.42 22.56
N CYS A 218 -9.65 1.50 23.30
CA CYS A 218 -10.20 2.80 23.63
C CYS A 218 -9.76 3.31 25.00
N GLY A 219 -9.10 2.45 25.78
CA GLY A 219 -8.62 2.88 27.09
C GLY A 219 -9.45 2.35 28.25
N LEU A 220 -9.27 2.98 29.41
CA LEU A 220 -9.99 2.56 30.61
C LEU A 220 -11.50 2.72 30.49
N PRO A 221 -12.23 1.81 31.14
CA PRO A 221 -13.68 1.72 31.20
C PRO A 221 -14.58 2.97 31.08
N LEU A 222 -14.24 4.07 31.72
CA LEU A 222 -15.15 5.20 31.59
C LEU A 222 -14.38 6.35 31.02
N ILE A 223 -13.07 6.23 31.08
CA ILE A 223 -12.26 7.30 30.55
C ILE A 223 -12.33 7.22 29.03
N GLY A 224 -12.48 6.01 28.49
CA GLY A 224 -12.56 5.88 27.04
C GLY A 224 -13.96 5.69 26.50
N GLU A 225 -14.95 6.16 27.25
CA GLU A 225 -16.36 6.04 26.90
C GLU A 225 -16.68 6.84 25.63
N THR A 226 -16.08 8.01 25.52
CA THR A 226 -16.32 8.86 24.39
C THR A 226 -15.73 8.19 23.16
N CYS A 227 -14.57 7.56 23.31
CA CYS A 227 -13.93 6.85 22.22
C CYS A 227 -14.80 5.68 21.82
N SER A 228 -15.24 4.89 22.82
CA SER A 228 -16.06 3.71 22.60
C SER A 228 -17.31 4.06 21.83
N HIS A 229 -17.78 5.26 22.10
CA HIS A 229 -18.97 5.79 21.47
C HIS A 229 -18.76 6.18 19.99
N THR A 230 -17.57 6.69 19.68
CA THR A 230 -17.26 7.09 18.33
C THR A 230 -16.88 5.89 17.48
N ARG A 231 -16.41 4.82 18.12
CA ARG A 231 -16.03 3.60 17.43
C ARG A 231 -17.09 3.05 16.48
N ALA A 232 -18.36 3.24 16.86
CA ALA A 232 -19.47 2.75 16.05
C ALA A 232 -19.45 3.44 14.70
N VAL A 233 -19.07 4.71 14.67
CA VAL A 233 -18.99 5.40 13.38
C VAL A 233 -17.85 4.75 12.56
N LYS A 234 -16.67 4.57 13.18
CA LYS A 234 -15.55 3.96 12.46
C LYS A 234 -15.80 2.50 12.09
N TYR A 235 -16.38 1.72 13.00
CA TYR A 235 -16.63 0.33 12.66
C TYR A 235 -17.50 0.28 11.41
N PHE A 236 -18.53 1.11 11.37
CA PHE A 236 -19.39 1.02 10.21
C PHE A 236 -18.72 1.45 8.94
N THR A 237 -17.81 2.41 9.05
CA THR A 237 -17.13 2.89 7.86
C THR A 237 -16.31 1.75 7.24
N GLU A 238 -15.70 0.91 8.08
CA GLU A 238 -14.88 -0.19 7.58
C GLU A 238 -15.68 -1.32 6.95
N CYS A 239 -16.96 -1.45 7.35
CA CYS A 239 -17.86 -2.49 6.86
C CYS A 239 -18.37 -2.17 5.46
N ILE A 240 -18.37 -0.88 5.17
CA ILE A 240 -18.76 -0.37 3.88
C ILE A 240 -17.53 -0.61 2.99
N LYS A 241 -16.34 -0.36 3.55
CA LYS A 241 -15.09 -0.55 2.83
C LYS A 241 -14.81 -2.03 2.57
N HIS A 242 -14.80 -2.84 3.64
CA HIS A 242 -14.50 -4.25 3.51
C HIS A 242 -15.73 -5.08 3.90
N GLU A 243 -16.36 -5.69 2.90
CA GLU A 243 -17.54 -6.48 3.16
C GLU A 243 -17.19 -7.68 4.06
N CYS A 244 -17.91 -7.77 5.16
CA CYS A 244 -17.74 -8.81 6.17
C CYS A 244 -16.57 -8.57 7.11
N CYS A 245 -16.12 -7.31 7.13
CA CYS A 245 -15.05 -6.85 8.02
C CYS A 245 -15.39 -7.32 9.41
N LEU A 246 -16.63 -6.99 9.80
CA LEU A 246 -17.20 -7.35 11.10
C LEU A 246 -18.37 -8.29 10.90
N ILE A 247 -18.19 -9.53 11.34
CA ILE A 247 -19.21 -10.56 11.23
C ILE A 247 -19.87 -10.75 12.58
N GLY A 248 -21.20 -10.77 12.59
CA GLY A 248 -21.95 -10.96 13.83
C GLY A 248 -22.41 -12.40 14.05
N VAL A 249 -22.36 -12.85 15.30
CA VAL A 249 -22.76 -14.21 15.64
C VAL A 249 -23.92 -14.13 16.59
N PRO A 250 -24.82 -15.10 16.55
CA PRO A 250 -25.97 -15.07 17.44
C PRO A 250 -25.53 -14.78 18.86
N GLN A 251 -26.17 -13.80 19.47
CA GLN A 251 -25.82 -13.43 20.81
C GLN A 251 -26.07 -14.61 21.73
N SER A 252 -25.05 -14.94 22.50
CA SER A 252 -25.12 -16.05 23.43
C SER A 252 -24.18 -15.77 24.60
N LYS A 253 -24.43 -16.44 25.73
CA LYS A 253 -23.55 -16.27 26.89
C LYS A 253 -22.26 -17.02 26.57
N LYS A 254 -22.30 -17.76 25.46
CA LYS A 254 -21.18 -18.55 24.97
C LYS A 254 -21.17 -18.41 23.44
N PRO A 255 -20.86 -17.21 22.92
CA PRO A 255 -20.84 -17.01 21.47
C PRO A 255 -19.83 -17.86 20.70
N GLN A 256 -20.33 -18.54 19.67
CA GLN A 256 -19.48 -19.36 18.81
C GLN A 256 -18.46 -18.42 18.14
N PRO A 257 -17.42 -18.98 17.50
CA PRO A 257 -16.47 -18.07 16.86
C PRO A 257 -16.94 -17.66 15.48
N VAL A 258 -16.30 -16.63 14.92
CA VAL A 258 -16.65 -16.12 13.59
C VAL A 258 -16.22 -17.03 12.44
N SER A 259 -15.17 -17.84 12.65
CA SER A 259 -14.71 -18.75 11.61
C SER A 259 -15.73 -19.87 11.27
N LYS A 260 -16.52 -20.27 12.27
CA LYS A 260 -17.52 -21.31 12.09
C LYS A 260 -18.78 -20.75 11.44
N CYS A 261 -18.76 -19.47 11.17
CA CYS A 261 -19.92 -18.84 10.60
C CYS A 261 -20.37 -19.25 9.19
N THR A 262 -21.65 -19.04 8.92
CA THR A 262 -22.24 -19.31 7.61
C THR A 262 -23.34 -18.26 7.45
N ARG A 263 -23.61 -17.82 6.23
CA ARG A 263 -24.65 -16.81 6.07
C ARG A 263 -25.99 -17.23 6.68
N ASN A 264 -26.11 -18.47 7.13
CA ASN A 264 -27.36 -18.93 7.73
C ASN A 264 -27.58 -18.50 9.16
N GLU A 265 -26.51 -18.43 9.94
CA GLU A 265 -26.65 -17.99 11.32
C GLU A 265 -25.85 -16.73 11.68
N CYS A 266 -24.97 -16.29 10.80
CA CYS A 266 -24.22 -15.07 11.09
C CYS A 266 -24.55 -13.95 10.10
N VAL A 267 -24.22 -12.71 10.49
CA VAL A 267 -24.52 -11.56 9.63
C VAL A 267 -23.35 -10.59 9.51
N CYS A 268 -23.07 -10.14 8.28
CA CYS A 268 -21.99 -9.18 8.06
C CYS A 268 -22.54 -7.78 8.26
N VAL A 269 -22.10 -7.11 9.31
CA VAL A 269 -22.56 -5.76 9.60
C VAL A 269 -22.30 -4.89 8.40
N GLY A 270 -23.27 -4.11 7.95
CA GLY A 270 -23.04 -3.24 6.82
C GLY A 270 -24.26 -2.89 5.98
N LEU A 271 -24.01 -2.32 4.80
CA LEU A 271 -25.08 -1.95 3.91
C LEU A 271 -25.94 -3.12 3.47
N ASN A 272 -25.37 -4.32 3.51
CA ASN A 272 -26.09 -5.52 3.09
C ASN A 272 -26.42 -6.53 4.17
N ALA A 273 -26.49 -6.08 5.40
CA ALA A 273 -26.83 -6.98 6.49
C ALA A 273 -28.22 -7.57 6.26
N LYS A 274 -29.19 -6.75 5.86
CA LYS A 274 -30.57 -7.25 5.65
C LYS A 274 -30.65 -8.38 4.63
N THR A 275 -29.58 -8.63 3.87
CA THR A 275 -29.61 -9.73 2.92
C THR A 275 -29.23 -11.01 3.67
N TYR A 276 -28.94 -10.89 4.96
CA TYR A 276 -28.64 -12.09 5.73
C TYR A 276 -29.93 -12.45 6.50
N PRO A 277 -30.40 -13.72 6.40
CA PRO A 277 -31.61 -14.22 7.06
C PRO A 277 -31.81 -14.09 8.58
N LYS A 278 -30.74 -14.31 9.34
CA LYS A 278 -30.83 -14.21 10.80
C LYS A 278 -31.09 -12.77 11.26
N THR A 279 -31.98 -12.65 12.22
CA THR A 279 -32.45 -11.39 12.78
C THR A 279 -32.17 -11.33 14.31
N GLY A 280 -32.41 -10.19 14.96
CA GLY A 280 -32.17 -10.12 16.39
C GLY A 280 -30.82 -9.62 16.89
N SER A 281 -30.40 -10.10 18.07
CA SER A 281 -29.14 -9.67 18.66
C SER A 281 -27.90 -10.51 18.33
N PHE A 282 -26.83 -9.82 17.93
CA PHE A 282 -25.60 -10.52 17.59
C PHE A 282 -24.44 -10.04 18.40
N TYR A 283 -23.53 -10.95 18.71
CA TYR A 283 -22.33 -10.58 19.45
C TYR A 283 -21.32 -10.32 18.36
N VAL A 284 -20.54 -9.26 18.51
CA VAL A 284 -19.53 -8.94 17.50
C VAL A 284 -18.16 -8.67 18.12
N PRO A 285 -17.25 -9.67 18.08
CA PRO A 285 -15.90 -9.52 18.66
C PRO A 285 -15.15 -8.51 17.80
N VAL A 286 -14.24 -7.73 18.39
CA VAL A 286 -13.54 -6.74 17.57
C VAL A 286 -12.06 -6.66 17.87
N GLU A 287 -11.27 -6.12 16.94
CA GLU A 287 -9.85 -5.95 17.18
C GLU A 287 -9.67 -4.56 17.76
N SER A 288 -8.47 -4.26 18.26
CA SER A 288 -8.19 -2.97 18.89
C SER A 288 -7.72 -1.83 18.01
N LYS A 289 -7.48 -2.08 16.73
CA LYS A 289 -7.05 -1.01 15.87
C LYS A 289 -7.64 -1.07 14.48
N ALA A 290 -7.75 0.08 13.85
CA ALA A 290 -8.30 0.12 12.51
C ALA A 290 -7.63 -1.01 11.72
N PRO A 291 -8.38 -1.69 10.85
CA PRO A 291 -9.79 -1.50 10.51
C PRO A 291 -10.73 -2.38 11.36
N TYR A 292 -10.23 -2.87 12.49
CA TYR A 292 -10.98 -3.66 13.47
C TYR A 292 -11.56 -5.01 13.04
N CYS A 293 -11.72 -5.23 11.75
CA CYS A 293 -12.29 -6.47 11.22
C CYS A 293 -12.05 -7.74 12.04
N ASN A 294 -13.07 -8.58 12.20
CA ASN A 294 -12.93 -9.80 12.99
C ASN A 294 -12.80 -11.15 12.27
N ASN A 295 -12.75 -11.14 10.94
CA ASN A 295 -12.55 -12.37 10.13
C ASN A 295 -12.18 -11.89 8.73
N LYS A 296 -11.50 -12.75 7.97
CA LYS A 296 -11.09 -12.45 6.58
C LYS A 296 -12.01 -13.14 5.58
N GLY A 297 -12.83 -14.05 6.10
CA GLY A 297 -13.76 -14.77 5.27
C GLY A 297 -14.94 -13.89 4.95
N LYS A 298 -15.68 -14.26 3.92
CA LYS A 298 -16.87 -13.54 3.56
C LYS A 298 -17.93 -14.62 3.70
N ILE A 299 -19.19 -14.24 3.89
CA ILE A 299 -20.26 -15.23 4.04
C ILE A 299 -21.52 -14.77 3.33
N PRO B 3 8.09 -36.43 -27.03
CA PRO B 3 8.69 -35.10 -27.26
C PRO B 3 7.84 -34.15 -26.44
N CYS B 4 8.40 -33.64 -25.35
CA CYS B 4 7.65 -32.69 -24.55
C CYS B 4 6.25 -33.24 -24.22
N PRO B 5 6.22 -34.44 -23.58
CA PRO B 5 5.10 -35.27 -23.13
C PRO B 5 4.22 -34.89 -21.94
N TYR B 6 3.05 -35.52 -21.91
CA TYR B 6 2.07 -35.28 -20.85
C TYR B 6 1.83 -36.51 -20.00
N SER B 7 1.51 -36.30 -18.73
CA SER B 7 1.23 -37.36 -17.80
C SER B 7 0.83 -36.76 -16.46
N ASP B 8 -0.15 -37.36 -15.80
CA ASP B 8 -0.62 -36.85 -14.52
C ASP B 8 0.43 -36.81 -13.42
N ASP B 9 1.33 -37.78 -13.44
CA ASP B 9 2.41 -37.87 -12.46
C ASP B 9 3.45 -36.77 -12.72
N THR B 10 3.38 -36.20 -13.91
CA THR B 10 4.30 -35.15 -14.31
C THR B 10 3.79 -33.76 -14.01
N VAL B 11 2.49 -33.64 -13.78
CA VAL B 11 1.90 -32.35 -13.46
C VAL B 11 1.97 -32.16 -11.96
N LYS B 12 2.34 -30.95 -11.53
CA LYS B 12 2.46 -30.61 -10.12
C LYS B 12 1.77 -29.29 -9.74
N MET B 13 1.55 -29.08 -8.44
CA MET B 13 0.89 -27.88 -7.95
C MET B 13 1.66 -27.26 -6.82
N ILE B 14 1.39 -25.99 -6.57
CA ILE B 14 1.99 -25.25 -5.46
C ILE B 14 0.76 -24.66 -4.76
N ILE B 15 0.53 -25.01 -3.51
CA ILE B 15 -0.65 -24.50 -2.78
C ILE B 15 -0.22 -23.37 -1.88
N LEU B 16 -0.83 -22.20 -2.04
CA LEU B 16 -0.45 -21.08 -1.21
C LEU B 16 -1.65 -20.48 -0.49
N THR B 17 -1.52 -20.27 0.82
CA THR B 17 -2.54 -19.62 1.63
C THR B 17 -1.78 -18.59 2.42
N ARG B 18 -2.51 -17.75 3.13
CA ARG B 18 -1.87 -16.71 3.94
C ARG B 18 -0.83 -17.29 4.88
N GLU B 19 -1.15 -18.44 5.47
CA GLU B 19 -0.24 -19.11 6.39
C GLU B 19 0.33 -20.41 5.85
N ASN B 20 0.85 -20.36 4.63
CA ASN B 20 1.43 -21.54 4.00
C ASN B 20 2.12 -21.16 2.71
N LYS B 21 3.22 -20.43 2.84
CA LYS B 21 3.96 -20.00 1.67
C LYS B 21 5.11 -20.94 1.34
N LYS B 22 4.95 -22.19 1.74
CA LYS B 22 5.99 -23.15 1.41
C LYS B 22 5.85 -23.37 -0.11
N HIS B 23 6.86 -22.97 -0.87
CA HIS B 23 6.83 -23.17 -2.32
C HIS B 23 7.15 -24.64 -2.61
N ASP B 24 6.47 -25.56 -1.91
CA ASP B 24 6.67 -27.00 -2.16
C ASP B 24 5.72 -27.41 -3.26
N PHE B 25 6.06 -28.49 -3.96
CA PHE B 25 5.25 -29.01 -5.03
C PHE B 25 4.56 -30.28 -4.58
N TYR B 26 3.28 -30.41 -4.94
CA TYR B 26 2.48 -31.57 -4.58
C TYR B 26 2.02 -32.26 -5.85
N THR B 27 1.61 -33.51 -5.74
CA THR B 27 1.10 -34.27 -6.88
C THR B 27 -0.27 -34.72 -6.38
N LEU B 28 -1.06 -35.37 -7.22
CA LEU B 28 -2.38 -35.78 -6.76
C LEU B 28 -2.25 -36.63 -5.50
N ASP B 29 -1.10 -37.26 -5.28
CA ASP B 29 -0.92 -38.08 -4.08
C ASP B 29 -0.62 -37.18 -2.91
N THR B 30 0.56 -36.56 -2.97
CA THR B 30 1.01 -35.72 -1.90
C THR B 30 0.13 -34.50 -1.61
N ILE B 31 -1.00 -34.39 -2.29
CA ILE B 31 -1.88 -33.23 -2.10
C ILE B 31 -2.52 -33.20 -0.71
N LYS B 32 -2.90 -34.38 -0.22
CA LYS B 32 -3.53 -34.52 1.08
C LYS B 32 -2.59 -34.24 2.25
N LYS B 33 -1.29 -34.18 1.98
CA LYS B 33 -0.31 -33.90 3.03
C LYS B 33 -0.25 -32.40 3.31
N HIS B 34 -0.87 -31.60 2.45
CA HIS B 34 -0.87 -30.15 2.64
C HIS B 34 -1.71 -29.80 3.84
N ASN B 35 -1.22 -28.87 4.63
CA ASN B 35 -1.94 -28.46 5.81
C ASN B 35 -3.40 -28.08 5.51
N GLU B 36 -3.59 -27.06 4.68
CA GLU B 36 -4.94 -26.63 4.34
C GLU B 36 -5.80 -27.79 3.90
N PHE B 37 -5.17 -28.87 3.45
CA PHE B 37 -5.91 -30.05 3.00
C PHE B 37 -6.01 -31.13 4.05
N LYS B 38 -5.68 -30.77 5.27
CA LYS B 38 -5.76 -31.72 6.35
C LYS B 38 -7.14 -31.63 6.98
N LYS B 39 -7.86 -30.57 6.63
CA LYS B 39 -9.21 -30.34 7.12
C LYS B 39 -10.13 -31.34 6.46
N SER B 40 -11.42 -31.18 6.72
CA SER B 40 -12.41 -32.07 6.11
C SER B 40 -13.22 -31.14 5.23
N THR B 41 -13.09 -29.86 5.53
CA THR B 41 -13.76 -28.79 4.82
C THR B 41 -12.77 -27.68 4.55
N ILE B 42 -12.77 -27.16 3.32
CA ILE B 42 -11.89 -26.04 2.96
C ILE B 42 -12.80 -24.80 2.79
N LYS B 43 -12.55 -23.80 3.64
CA LYS B 43 -13.35 -22.58 3.65
C LYS B 43 -12.97 -21.46 2.69
N HIS B 44 -11.70 -21.37 2.35
CA HIS B 44 -11.22 -20.31 1.45
C HIS B 44 -11.83 -20.33 0.04
N GLN B 45 -11.62 -19.20 -0.62
CA GLN B 45 -11.99 -19.02 -2.00
C GLN B 45 -10.81 -19.74 -2.65
N VAL B 46 -11.07 -20.47 -3.72
CA VAL B 46 -10.02 -21.19 -4.38
C VAL B 46 -9.73 -20.61 -5.77
N VAL B 47 -8.47 -20.36 -6.05
CA VAL B 47 -8.12 -19.86 -7.39
C VAL B 47 -6.96 -20.63 -7.99
N PHE B 48 -7.19 -21.26 -9.13
CA PHE B 48 -6.15 -21.99 -9.84
C PHE B 48 -5.45 -20.98 -10.79
N ILE B 49 -4.13 -21.11 -10.95
CA ILE B 49 -3.38 -20.23 -11.83
C ILE B 49 -2.57 -21.15 -12.73
N THR B 50 -2.74 -21.02 -14.05
CA THR B 50 -2.06 -21.90 -15.00
C THR B 50 -1.29 -21.12 -16.07
N HIS B 51 0.00 -21.43 -16.17
CA HIS B 51 0.88 -20.76 -17.14
C HIS B 51 0.71 -21.41 -18.49
N GLY B 52 1.32 -20.78 -19.48
CA GLY B 52 1.25 -21.28 -20.84
C GLY B 52 2.56 -21.81 -21.37
N PHE B 53 2.66 -21.79 -22.69
CA PHE B 53 3.80 -22.28 -23.43
C PHE B 53 5.16 -21.94 -22.82
N THR B 54 5.99 -22.96 -22.68
CA THR B 54 7.35 -22.86 -22.16
C THR B 54 7.56 -21.95 -20.96
N SER B 55 6.69 -22.10 -19.95
CA SER B 55 6.78 -21.32 -18.71
C SER B 55 6.60 -22.25 -17.54
N SER B 56 6.50 -21.71 -16.34
CA SER B 56 6.30 -22.56 -15.19
C SER B 56 5.67 -21.75 -14.06
N ALA B 57 5.01 -22.47 -13.16
CA ALA B 57 4.30 -21.87 -12.06
C ALA B 57 5.14 -20.99 -11.18
N ASP B 58 6.43 -21.28 -11.05
CA ASP B 58 7.29 -20.47 -10.20
C ASP B 58 8.00 -19.32 -10.86
N THR B 59 7.32 -18.59 -11.75
CA THR B 59 7.93 -17.44 -12.40
C THR B 59 7.49 -16.24 -11.57
N GLU B 60 8.17 -15.11 -11.74
CA GLU B 60 7.84 -13.93 -10.96
C GLU B 60 6.37 -13.56 -11.11
N ASN B 61 5.95 -13.23 -12.33
CA ASN B 61 4.60 -12.83 -12.59
C ASN B 61 3.51 -13.68 -12.00
N PHE B 62 3.56 -15.00 -12.16
CA PHE B 62 2.55 -15.84 -11.57
C PHE B 62 2.64 -15.91 -10.02
N LEU B 63 3.84 -15.94 -9.44
CA LEU B 63 3.95 -15.95 -7.98
C LEU B 63 3.42 -14.66 -7.36
N ALA B 64 3.65 -13.53 -8.01
CA ALA B 64 3.13 -12.24 -7.52
C ALA B 64 1.61 -12.31 -7.44
N MET B 65 1.01 -12.86 -8.50
CA MET B 65 -0.44 -12.96 -8.55
C MET B 65 -0.91 -13.85 -7.41
N ALA B 66 -0.21 -14.96 -7.20
CA ALA B 66 -0.60 -15.83 -6.10
C ALA B 66 -0.52 -15.06 -4.78
N LYS B 67 0.50 -14.23 -4.61
CA LYS B 67 0.60 -13.50 -3.35
C LYS B 67 -0.50 -12.43 -3.17
N ALA B 68 -0.80 -11.70 -4.23
CA ALA B 68 -1.81 -10.65 -4.14
C ALA B 68 -3.18 -11.23 -3.80
N LEU B 69 -3.38 -12.51 -4.09
CA LEU B 69 -4.63 -13.16 -3.78
C LEU B 69 -4.55 -13.65 -2.34
N SER B 70 -3.53 -14.48 -2.09
CA SER B 70 -3.33 -15.05 -0.78
C SER B 70 -3.26 -13.98 0.31
N ASP B 71 -2.85 -12.79 -0.07
CA ASP B 71 -2.75 -11.73 0.91
C ASP B 71 -4.08 -11.03 1.10
N LYS B 72 -5.13 -11.53 0.47
CA LYS B 72 -6.44 -10.91 0.67
C LYS B 72 -7.17 -11.59 1.82
N GLY B 73 -6.66 -12.72 2.29
CA GLY B 73 -7.31 -13.36 3.43
C GLY B 73 -7.91 -14.74 3.34
N ASN B 74 -8.95 -14.93 2.51
CA ASN B 74 -9.57 -16.25 2.42
C ASN B 74 -9.42 -16.86 1.07
N TYR B 75 -8.19 -16.85 0.57
CA TYR B 75 -7.82 -17.40 -0.73
C TYR B 75 -6.75 -18.51 -0.68
N LEU B 76 -7.11 -19.68 -1.21
CA LEU B 76 -6.23 -20.84 -1.30
C LEU B 76 -5.83 -20.85 -2.78
N VAL B 77 -4.56 -20.61 -3.08
CA VAL B 77 -4.11 -20.55 -4.45
C VAL B 77 -3.37 -21.82 -4.88
N ILE B 78 -3.82 -22.37 -5.98
CA ILE B 78 -3.23 -23.57 -6.55
C ILE B 78 -2.61 -23.23 -7.92
N LEU B 79 -1.30 -23.18 -7.97
CA LEU B 79 -0.65 -22.87 -9.22
C LEU B 79 -0.45 -24.20 -9.91
N ILE B 80 -0.87 -24.31 -11.16
CA ILE B 80 -0.72 -25.55 -11.93
C ILE B 80 0.57 -25.51 -12.76
N ASP B 81 1.44 -26.49 -12.57
CA ASP B 81 2.73 -26.56 -13.25
C ASP B 81 2.76 -27.73 -14.20
N TRP B 82 2.90 -27.42 -15.48
CA TRP B 82 2.91 -28.46 -16.50
C TRP B 82 4.00 -28.10 -17.48
N ARG B 83 5.15 -27.75 -16.92
CA ARG B 83 6.32 -27.33 -17.67
C ARG B 83 6.70 -28.33 -18.76
N VAL B 84 6.66 -29.61 -18.42
CA VAL B 84 7.00 -30.69 -19.37
C VAL B 84 6.07 -30.74 -20.57
N ALA B 85 4.79 -30.82 -20.28
CA ALA B 85 3.80 -30.86 -21.32
C ALA B 85 3.69 -29.47 -22.00
N ALA B 86 4.25 -28.45 -21.37
CA ALA B 86 4.23 -27.10 -21.93
C ALA B 86 5.49 -26.88 -22.76
N CYS B 87 6.35 -27.91 -22.80
CA CYS B 87 7.59 -27.92 -23.57
C CYS B 87 8.68 -27.04 -22.96
N THR B 88 8.47 -26.58 -21.74
CA THR B 88 9.44 -25.69 -21.10
C THR B 88 10.81 -26.37 -20.84
N GLU B 89 10.77 -27.66 -20.59
CA GLU B 89 11.99 -28.40 -20.31
C GLU B 89 12.74 -28.87 -21.55
N GLU B 90 12.88 -28.02 -22.57
CA GLU B 90 13.62 -28.47 -23.73
C GLU B 90 13.73 -27.61 -24.96
N MET B 91 13.36 -26.33 -24.89
CA MET B 91 13.45 -25.49 -26.08
C MET B 91 14.74 -25.64 -26.90
N SER B 92 14.81 -26.71 -27.69
CA SER B 92 15.96 -26.99 -28.53
C SER B 92 15.54 -26.98 -30.00
N GLY B 93 15.29 -25.77 -30.51
CA GLY B 93 14.94 -25.63 -31.91
C GLY B 93 13.50 -25.35 -32.27
N ILE B 94 13.02 -26.10 -33.27
CA ILE B 94 11.66 -26.04 -33.85
C ILE B 94 10.48 -25.56 -32.98
N GLN B 95 10.41 -24.26 -32.76
CA GLN B 95 9.37 -23.70 -31.94
C GLN B 95 7.95 -24.07 -32.38
N LEU B 96 7.65 -23.94 -33.66
CA LEU B 96 6.33 -24.21 -34.18
C LEU B 96 5.84 -25.65 -33.97
N ALA B 97 6.76 -26.61 -33.97
CA ALA B 97 6.36 -27.99 -33.71
C ALA B 97 6.07 -28.10 -32.19
N TYR B 98 6.94 -27.53 -31.36
CA TYR B 98 6.73 -27.59 -29.92
C TYR B 98 5.40 -26.99 -29.52
N TYR B 99 5.19 -25.76 -29.93
CA TYR B 99 3.96 -25.05 -29.65
C TYR B 99 2.77 -25.95 -29.97
N SER B 100 2.85 -26.66 -31.09
CA SER B 100 1.73 -27.50 -31.46
C SER B 100 1.59 -28.69 -30.51
N TYR B 101 2.70 -29.17 -29.94
CA TYR B 101 2.59 -30.24 -28.96
C TYR B 101 1.88 -29.73 -27.66
N ALA B 102 2.42 -28.67 -27.08
CA ALA B 102 1.86 -28.07 -25.85
C ALA B 102 0.39 -27.67 -26.09
N ALA B 103 0.10 -27.19 -27.29
CA ALA B 103 -1.25 -26.79 -27.62
C ALA B 103 -2.20 -27.99 -27.41
N SER B 104 -1.85 -29.13 -27.98
CA SER B 104 -2.71 -30.25 -27.83
C SER B 104 -2.69 -30.81 -26.40
N ASN B 105 -1.64 -30.55 -25.62
CA ASN B 105 -1.67 -31.04 -24.25
C ASN B 105 -2.63 -30.20 -23.41
N THR B 106 -3.12 -29.07 -23.96
CA THR B 106 -3.99 -28.23 -23.14
C THR B 106 -5.24 -28.92 -22.58
N ARG B 107 -5.83 -29.83 -23.35
CA ARG B 107 -7.04 -30.50 -22.92
C ARG B 107 -6.74 -31.44 -21.74
N LEU B 108 -5.57 -32.06 -21.76
CA LEU B 108 -5.20 -32.98 -20.68
C LEU B 108 -4.94 -32.27 -19.35
N VAL B 109 -4.23 -31.15 -19.39
CA VAL B 109 -3.96 -30.43 -18.16
C VAL B 109 -5.31 -29.91 -17.66
N GLY B 110 -6.24 -29.65 -18.57
CA GLY B 110 -7.56 -29.18 -18.21
C GLY B 110 -8.35 -30.25 -17.45
N ASN B 111 -8.20 -31.51 -17.88
CA ASN B 111 -8.87 -32.64 -17.23
C ASN B 111 -8.27 -32.73 -15.84
N TYR B 112 -6.93 -32.61 -15.79
CA TYR B 112 -6.21 -32.66 -14.53
C TYR B 112 -6.84 -31.65 -13.56
N ILE B 113 -6.95 -30.40 -14.00
CA ILE B 113 -7.56 -29.38 -13.16
C ILE B 113 -8.98 -29.79 -12.69
N ALA B 114 -9.80 -30.27 -13.62
CA ALA B 114 -11.17 -30.73 -13.31
C ALA B 114 -11.16 -31.86 -12.27
N THR B 115 -10.19 -32.76 -12.37
CA THR B 115 -10.05 -33.87 -11.41
C THR B 115 -9.80 -33.31 -10.00
N VAL B 116 -8.88 -32.36 -9.91
CA VAL B 116 -8.52 -31.74 -8.64
C VAL B 116 -9.75 -31.02 -8.15
N THR B 117 -10.51 -30.45 -9.09
CA THR B 117 -11.70 -29.70 -8.75
C THR B 117 -12.78 -30.59 -8.18
N LYS B 118 -12.89 -31.80 -8.72
CA LYS B 118 -13.90 -32.76 -8.26
C LYS B 118 -13.65 -33.09 -6.80
N MET B 119 -12.38 -33.19 -6.45
CA MET B 119 -11.99 -33.51 -5.09
C MET B 119 -12.28 -32.35 -4.14
N LEU B 120 -12.00 -31.13 -4.58
CA LEU B 120 -12.25 -29.99 -3.72
C LEU B 120 -13.73 -29.93 -3.39
N VAL B 121 -14.53 -30.25 -4.40
CA VAL B 121 -15.97 -30.22 -4.25
C VAL B 121 -16.56 -31.35 -3.42
N GLN B 122 -16.23 -32.59 -3.78
CA GLN B 122 -16.77 -33.76 -3.12
C GLN B 122 -16.07 -34.18 -1.84
N LYS B 123 -14.76 -33.93 -1.75
CA LYS B 123 -14.02 -34.33 -0.56
C LYS B 123 -13.70 -33.21 0.43
N TYR B 124 -13.91 -31.95 0.05
CA TYR B 124 -13.60 -30.85 0.94
C TYR B 124 -14.76 -29.89 1.07
N ASN B 125 -15.86 -30.21 0.39
CA ASN B 125 -17.05 -29.39 0.43
C ASN B 125 -16.84 -27.99 -0.10
N VAL B 126 -16.01 -27.85 -1.13
CA VAL B 126 -15.77 -26.54 -1.71
C VAL B 126 -16.83 -26.32 -2.78
N PRO B 127 -17.68 -25.30 -2.61
CA PRO B 127 -18.70 -25.10 -3.64
C PRO B 127 -18.09 -24.51 -4.88
N MET B 128 -18.68 -24.87 -6.02
CA MET B 128 -18.21 -24.40 -7.30
C MET B 128 -18.26 -22.90 -7.38
N ALA B 129 -19.12 -22.28 -6.59
CA ALA B 129 -19.26 -20.84 -6.58
C ALA B 129 -18.04 -20.23 -5.96
N ASN B 130 -17.29 -21.07 -5.27
CA ASN B 130 -16.08 -20.62 -4.59
C ASN B 130 -14.81 -20.89 -5.40
N ILE B 131 -14.96 -21.31 -6.64
CA ILE B 131 -13.75 -21.59 -7.39
C ILE B 131 -13.65 -20.79 -8.68
N ARG B 132 -12.42 -20.39 -8.98
CA ARG B 132 -12.12 -19.59 -10.14
C ARG B 132 -10.89 -20.18 -10.79
N LEU B 133 -10.82 -20.06 -12.11
CA LEU B 133 -9.64 -20.48 -12.83
C LEU B 133 -9.01 -19.26 -13.50
N ILE B 134 -7.68 -19.20 -13.43
CA ILE B 134 -6.91 -18.14 -14.07
C ILE B 134 -5.86 -18.80 -14.97
N GLY B 135 -5.87 -18.41 -16.25
CA GLY B 135 -4.93 -18.94 -17.21
C GLY B 135 -4.33 -17.93 -18.19
N HIS B 136 -3.05 -18.13 -18.53
CA HIS B 136 -2.37 -17.26 -19.46
C HIS B 136 -1.99 -17.99 -20.77
N SER B 137 -2.17 -17.31 -21.89
CA SER B 137 -1.88 -17.87 -23.21
C SER B 137 -2.49 -19.28 -23.37
N LEU B 138 -1.67 -20.33 -23.43
CA LEU B 138 -2.17 -21.69 -23.60
C LEU B 138 -2.86 -22.14 -22.33
N GLY B 139 -2.54 -21.48 -21.21
CA GLY B 139 -3.12 -21.85 -19.93
C GLY B 139 -4.55 -21.38 -19.85
N ALA B 140 -4.91 -20.51 -20.78
CA ALA B 140 -6.24 -19.97 -20.82
C ALA B 140 -7.15 -21.02 -21.47
N HIS B 141 -6.63 -21.69 -22.49
CA HIS B 141 -7.46 -22.70 -23.14
C HIS B 141 -7.51 -23.90 -22.19
N THR B 142 -6.43 -24.12 -21.46
CA THR B 142 -6.40 -25.20 -20.51
C THR B 142 -7.54 -24.98 -19.54
N SER B 143 -7.68 -23.75 -19.10
CA SER B 143 -8.69 -23.37 -18.15
C SER B 143 -10.09 -23.62 -18.65
N GLY B 144 -10.33 -23.27 -19.89
CA GLY B 144 -11.64 -23.51 -20.44
C GLY B 144 -11.91 -24.99 -20.65
N PHE B 145 -10.90 -25.76 -21.06
CA PHE B 145 -11.17 -27.18 -21.26
C PHE B 145 -11.54 -27.78 -19.93
N ALA B 146 -10.96 -27.24 -18.86
CA ALA B 146 -11.26 -27.67 -17.51
C ALA B 146 -12.72 -27.29 -17.24
N GLY B 147 -13.08 -26.06 -17.62
CA GLY B 147 -14.45 -25.61 -17.45
C GLY B 147 -15.44 -26.52 -18.18
N LYS B 148 -15.08 -26.97 -19.38
CA LYS B 148 -15.96 -27.88 -20.11
C LYS B 148 -16.04 -29.23 -19.36
N LYS B 149 -14.88 -29.75 -18.94
CA LYS B 149 -14.81 -31.02 -18.25
C LYS B 149 -15.63 -31.08 -16.95
N VAL B 150 -15.57 -30.05 -16.11
CA VAL B 150 -16.36 -30.07 -14.88
C VAL B 150 -17.84 -30.19 -15.24
N GLN B 151 -18.27 -29.51 -16.29
CA GLN B 151 -19.65 -29.59 -16.66
C GLN B 151 -20.00 -31.01 -17.00
N GLU B 152 -19.09 -31.68 -17.72
CA GLU B 152 -19.29 -33.04 -18.14
C GLU B 152 -19.34 -33.96 -16.95
N LEU B 153 -18.60 -33.58 -15.91
CA LEU B 153 -18.53 -34.38 -14.69
C LEU B 153 -19.72 -34.19 -13.79
N GLY B 154 -20.72 -33.47 -14.30
CA GLY B 154 -21.93 -33.23 -13.54
C GLY B 154 -21.76 -32.35 -12.31
N LEU B 155 -20.69 -31.55 -12.29
CA LEU B 155 -20.37 -30.66 -11.19
C LEU B 155 -20.94 -29.26 -11.30
N GLY B 156 -21.44 -28.88 -12.45
CA GLY B 156 -21.89 -27.51 -12.56
C GLY B 156 -20.77 -26.65 -13.18
N LYS B 157 -20.94 -25.34 -13.21
CA LYS B 157 -19.92 -24.53 -13.82
C LYS B 157 -19.08 -23.82 -12.78
N TYR B 158 -17.87 -23.43 -13.16
CA TYR B 158 -16.99 -22.71 -12.26
C TYR B 158 -17.64 -21.36 -12.17
N SER B 159 -17.39 -20.68 -11.05
CA SER B 159 -17.94 -19.36 -10.86
C SER B 159 -17.40 -18.41 -11.95
N GLU B 160 -16.09 -18.47 -12.19
CA GLU B 160 -15.47 -17.59 -13.17
C GLU B 160 -14.17 -18.17 -13.73
N ILE B 161 -13.91 -17.92 -15.00
CA ILE B 161 -12.68 -18.33 -15.67
C ILE B 161 -12.06 -17.05 -16.22
N ILE B 162 -10.80 -16.81 -15.88
CA ILE B 162 -10.13 -15.61 -16.34
C ILE B 162 -9.03 -15.98 -17.30
N GLY B 163 -9.20 -15.53 -18.56
CA GLY B 163 -8.21 -15.82 -19.57
C GLY B 163 -7.31 -14.64 -19.82
N LEU B 164 -6.07 -14.81 -19.45
CA LEU B 164 -5.08 -13.77 -19.63
C LEU B 164 -4.42 -13.96 -20.99
N ASP B 165 -4.74 -13.01 -21.86
CA ASP B 165 -4.29 -13.01 -23.23
C ASP B 165 -4.20 -14.42 -23.84
N PRO B 166 -5.37 -15.05 -24.05
CA PRO B 166 -5.57 -16.38 -24.62
C PRO B 166 -4.77 -16.52 -25.88
N ALA B 167 -4.03 -17.62 -25.98
CA ALA B 167 -3.20 -17.92 -27.14
C ALA B 167 -4.04 -17.90 -28.40
N GLY B 168 -3.58 -17.19 -29.43
CA GLY B 168 -4.30 -17.09 -30.69
C GLY B 168 -4.01 -18.19 -31.73
N PRO B 169 -2.74 -18.41 -32.10
CA PRO B 169 -2.44 -19.45 -33.09
C PRO B 169 -2.90 -20.81 -32.60
N SER B 170 -3.67 -21.50 -33.44
CA SER B 170 -4.21 -22.84 -33.18
C SER B 170 -5.54 -22.78 -32.44
N PHE B 171 -6.05 -21.57 -32.17
CA PHE B 171 -7.32 -21.46 -31.47
C PHE B 171 -8.28 -20.39 -32.02
N LYS B 172 -7.74 -19.25 -32.49
CA LYS B 172 -8.52 -18.12 -33.02
C LYS B 172 -9.85 -18.53 -33.61
N SER B 173 -9.78 -19.32 -34.68
CA SER B 173 -10.97 -19.76 -35.36
C SER B 173 -11.46 -21.18 -35.05
N ASN B 174 -11.23 -21.65 -33.84
CA ASN B 174 -11.72 -22.96 -33.43
C ASN B 174 -13.16 -22.72 -33.03
N ASP B 175 -13.93 -23.80 -32.94
CA ASP B 175 -15.30 -23.68 -32.49
C ASP B 175 -15.24 -23.63 -30.98
N CYS B 176 -16.29 -23.13 -30.36
CA CYS B 176 -16.37 -23.00 -28.92
C CYS B 176 -15.95 -24.27 -28.16
N SER B 177 -16.09 -25.43 -28.79
CA SER B 177 -15.72 -26.69 -28.12
C SER B 177 -14.21 -26.95 -28.07
N GLU B 178 -13.43 -26.27 -28.90
CA GLU B 178 -11.98 -26.47 -28.92
C GLU B 178 -11.11 -25.28 -28.53
N ARG B 179 -11.60 -24.43 -27.63
CA ARG B 179 -10.87 -23.24 -27.16
C ARG B 179 -11.55 -22.66 -25.91
N ILE B 180 -10.93 -21.67 -25.25
CA ILE B 180 -11.61 -21.07 -24.11
C ILE B 180 -12.85 -20.44 -24.74
N CYS B 181 -14.00 -20.55 -24.08
CA CYS B 181 -15.24 -20.04 -24.65
C CYS B 181 -16.19 -19.38 -23.65
N LYS B 182 -16.90 -18.34 -24.07
CA LYS B 182 -17.80 -17.65 -23.13
C LYS B 182 -18.70 -18.54 -22.27
N THR B 183 -18.94 -19.80 -22.67
CA THR B 183 -19.79 -20.68 -21.88
C THR B 183 -19.08 -21.59 -20.86
N ASP B 184 -17.74 -21.64 -20.87
CA ASP B 184 -17.00 -22.51 -19.95
C ASP B 184 -17.20 -22.28 -18.45
N ALA B 185 -17.65 -21.10 -18.05
CA ALA B 185 -17.94 -20.86 -16.64
C ALA B 185 -19.17 -19.94 -16.56
N HIS B 186 -19.62 -19.56 -15.37
CA HIS B 186 -20.77 -18.68 -15.30
C HIS B 186 -20.35 -17.29 -15.82
N TYR B 187 -19.10 -16.92 -15.56
CA TYR B 187 -18.54 -15.67 -16.03
C TYR B 187 -17.14 -15.96 -16.60
N VAL B 188 -16.88 -15.54 -17.84
CA VAL B 188 -15.58 -15.73 -18.47
C VAL B 188 -15.02 -14.34 -18.81
N GLN B 189 -13.96 -13.98 -18.11
CA GLN B 189 -13.31 -12.69 -18.25
C GLN B 189 -12.03 -12.81 -19.06
N ILE B 190 -11.97 -12.11 -20.19
CA ILE B 190 -10.82 -12.19 -21.08
C ILE B 190 -9.99 -10.89 -21.20
N ILE B 191 -8.69 -10.97 -20.90
CA ILE B 191 -7.81 -9.80 -21.04
C ILE B 191 -7.01 -10.03 -22.29
N HIS B 192 -7.15 -9.08 -23.25
CA HIS B 192 -6.47 -9.09 -24.56
C HIS B 192 -5.32 -8.05 -24.53
N THR B 193 -4.11 -8.49 -24.85
CA THR B 193 -2.97 -7.59 -24.83
C THR B 193 -2.09 -7.70 -26.06
N SER B 194 -1.96 -8.90 -26.62
CA SER B 194 -1.16 -9.06 -27.83
C SER B 194 -2.00 -9.67 -28.95
N ASN B 195 -1.65 -9.33 -30.20
CA ASN B 195 -2.42 -9.80 -31.35
C ASN B 195 -1.74 -10.78 -32.31
N HIS B 196 -0.57 -11.25 -31.95
CA HIS B 196 0.11 -12.22 -32.75
C HIS B 196 0.25 -13.46 -31.88
N LEU B 197 0.73 -13.26 -30.66
CA LEU B 197 0.84 -14.36 -29.75
C LEU B 197 -0.54 -14.56 -29.16
N GLY B 198 -1.30 -13.47 -29.09
CA GLY B 198 -2.68 -13.50 -28.58
C GLY B 198 -3.62 -13.36 -29.77
N THR B 199 -4.89 -13.05 -29.52
CA THR B 199 -5.88 -12.89 -30.57
C THR B 199 -6.89 -11.82 -30.25
N LEU B 200 -7.28 -11.05 -31.28
CA LEU B 200 -8.29 -10.03 -31.06
C LEU B 200 -9.66 -10.65 -31.02
N VAL B 201 -9.76 -11.91 -31.42
CA VAL B 201 -11.03 -12.62 -31.43
C VAL B 201 -11.70 -12.58 -30.06
N THR B 202 -13.01 -12.32 -30.06
CA THR B 202 -13.80 -12.20 -28.84
C THR B 202 -13.99 -13.60 -28.26
N LEU B 203 -13.79 -13.75 -26.95
CA LEU B 203 -13.86 -15.08 -26.35
C LEU B 203 -14.59 -15.23 -25.03
N GLY B 204 -15.12 -14.17 -24.44
CA GLY B 204 -15.79 -14.34 -23.16
C GLY B 204 -17.00 -13.48 -22.89
N THR B 205 -17.57 -13.61 -21.70
CA THR B 205 -18.72 -12.82 -21.29
C THR B 205 -18.33 -11.37 -21.53
N VAL B 206 -17.11 -11.01 -21.12
CA VAL B 206 -16.55 -9.68 -21.33
C VAL B 206 -15.14 -9.82 -21.86
N ASP B 207 -14.80 -9.03 -22.87
CA ASP B 207 -13.45 -9.02 -23.46
C ASP B 207 -12.87 -7.61 -23.26
N PHE B 208 -11.79 -7.54 -22.48
CA PHE B 208 -11.12 -6.28 -22.20
C PHE B 208 -10.02 -6.10 -23.22
N MET B 209 -10.13 -5.04 -24.01
CA MET B 209 -9.15 -4.79 -25.06
C MET B 209 -8.22 -3.63 -24.66
N ASN B 210 -7.21 -4.01 -23.92
CA ASN B 210 -6.19 -3.14 -23.40
C ASN B 210 -5.40 -2.77 -24.68
N ASN B 211 -6.15 -2.08 -25.56
CA ASN B 211 -5.78 -1.57 -26.89
C ASN B 211 -6.37 -2.31 -28.11
N GLY B 212 -6.16 -3.64 -28.34
CA GLY B 212 -5.33 -4.54 -27.53
C GLY B 212 -4.13 -5.28 -28.15
N TYR B 213 -3.07 -4.53 -28.43
CA TYR B 213 -1.80 -5.00 -28.99
C TYR B 213 -0.74 -3.90 -28.75
N ASN B 214 0.52 -4.18 -29.08
CA ASN B 214 1.56 -3.18 -28.89
C ASN B 214 1.42 -2.52 -27.54
N GLN B 215 1.69 -3.26 -26.46
CA GLN B 215 1.56 -2.66 -25.15
C GLN B 215 2.61 -1.55 -24.94
N PRO B 216 2.16 -0.37 -24.44
CA PRO B 216 2.99 0.81 -24.15
C PRO B 216 4.12 0.45 -23.20
N GLY B 217 5.34 0.83 -23.58
CA GLY B 217 6.49 0.55 -22.74
C GLY B 217 7.07 -0.80 -23.02
N CYS B 218 6.44 -1.55 -23.92
CA CYS B 218 6.95 -2.89 -24.25
C CYS B 218 7.97 -2.88 -25.37
N GLY B 219 7.97 -1.80 -26.14
CA GLY B 219 8.92 -1.67 -27.21
C GLY B 219 8.27 -1.47 -28.56
N LEU B 220 8.90 -2.02 -29.58
CA LEU B 220 8.40 -1.90 -30.93
C LEU B 220 7.40 -3.00 -31.28
N PRO B 221 6.37 -2.63 -32.04
CA PRO B 221 5.30 -3.53 -32.48
C PRO B 221 5.46 -5.06 -32.45
N LEU B 222 6.53 -5.62 -33.00
CA LEU B 222 6.70 -7.09 -32.99
C LEU B 222 7.85 -7.50 -32.09
N ILE B 223 8.88 -6.67 -32.03
CA ILE B 223 10.01 -7.01 -31.18
C ILE B 223 9.48 -7.14 -29.76
N GLY B 224 8.55 -6.25 -29.41
CA GLY B 224 7.96 -6.26 -28.09
C GLY B 224 6.75 -7.16 -27.89
N GLU B 225 6.47 -8.03 -28.87
CA GLU B 225 5.31 -8.92 -28.81
C GLU B 225 5.22 -9.78 -27.51
N THR B 226 6.34 -10.40 -27.10
CA THR B 226 6.41 -11.25 -25.91
C THR B 226 6.14 -10.51 -24.60
N CYS B 227 6.50 -9.23 -24.58
CA CYS B 227 6.27 -8.37 -23.42
C CYS B 227 4.77 -7.94 -23.39
N SER B 228 4.19 -7.69 -24.56
CA SER B 228 2.78 -7.32 -24.62
C SER B 228 1.96 -8.55 -24.23
N HIS B 229 2.48 -9.71 -24.58
CA HIS B 229 1.82 -10.97 -24.23
C HIS B 229 1.79 -11.15 -22.71
N THR B 230 2.93 -10.88 -22.08
CA THR B 230 3.06 -11.02 -20.64
C THR B 230 2.38 -9.91 -19.83
N ARG B 231 2.10 -8.77 -20.45
CA ARG B 231 1.46 -7.69 -19.72
C ARG B 231 0.10 -8.08 -19.19
N ALA B 232 -0.53 -9.09 -19.81
CA ALA B 232 -1.85 -9.55 -19.38
C ALA B 232 -1.76 -10.13 -17.98
N VAL B 233 -0.68 -10.84 -17.69
CA VAL B 233 -0.55 -11.41 -16.37
C VAL B 233 -0.30 -10.31 -15.35
N LYS B 234 0.56 -9.35 -15.71
CA LYS B 234 0.87 -8.23 -14.79
C LYS B 234 -0.30 -7.28 -14.63
N TYR B 235 -1.11 -7.14 -15.66
CA TYR B 235 -2.27 -6.28 -15.53
C TYR B 235 -3.24 -6.84 -14.50
N PHE B 236 -3.55 -8.12 -14.65
CA PHE B 236 -4.54 -8.66 -13.77
C PHE B 236 -4.10 -8.62 -12.33
N THR B 237 -2.79 -8.76 -12.13
CA THR B 237 -2.28 -8.71 -10.78
C THR B 237 -2.50 -7.31 -10.14
N GLU B 238 -2.24 -6.24 -10.89
CA GLU B 238 -2.44 -4.91 -10.35
C GLU B 238 -3.95 -4.66 -10.02
N CYS B 239 -4.82 -5.38 -10.72
CA CYS B 239 -6.25 -5.19 -10.53
C CYS B 239 -6.71 -5.94 -9.32
N ILE B 240 -5.96 -6.95 -8.94
CA ILE B 240 -6.29 -7.73 -7.76
C ILE B 240 -5.85 -6.86 -6.59
N LYS B 241 -4.66 -6.25 -6.74
CA LYS B 241 -4.05 -5.39 -5.73
C LYS B 241 -4.83 -4.10 -5.52
N HIS B 242 -5.06 -3.35 -6.59
CA HIS B 242 -5.79 -2.10 -6.52
C HIS B 242 -7.09 -2.19 -7.32
N GLU B 243 -8.20 -2.23 -6.61
CA GLU B 243 -9.52 -2.35 -7.21
C GLU B 243 -9.82 -1.18 -8.15
N CYS B 244 -10.19 -1.48 -9.38
CA CYS B 244 -10.49 -0.48 -10.41
C CYS B 244 -9.28 0.19 -11.02
N CYS B 245 -8.12 -0.41 -10.76
CA CYS B 245 -6.86 0.11 -11.31
C CYS B 245 -7.05 0.33 -12.80
N LEU B 246 -7.63 -0.66 -13.45
CA LEU B 246 -7.92 -0.60 -14.87
C LEU B 246 -9.45 -0.59 -15.02
N ILE B 247 -9.95 0.47 -15.65
CA ILE B 247 -11.36 0.59 -15.91
C ILE B 247 -11.55 0.46 -17.44
N GLY B 248 -12.61 -0.23 -17.86
CA GLY B 248 -12.86 -0.38 -19.28
C GLY B 248 -14.11 0.36 -19.69
N VAL B 249 -14.11 0.90 -20.90
CA VAL B 249 -15.28 1.62 -21.44
C VAL B 249 -15.83 0.85 -22.65
N PRO B 250 -17.16 0.90 -22.84
CA PRO B 250 -17.76 0.18 -23.97
C PRO B 250 -16.92 0.39 -25.22
N GLN B 251 -16.48 -0.73 -25.79
CA GLN B 251 -15.64 -0.71 -26.97
C GLN B 251 -16.28 0.19 -28.03
N SER B 252 -15.56 1.25 -28.38
CA SER B 252 -16.01 2.23 -29.36
C SER B 252 -14.87 2.73 -30.26
N LYS B 253 -15.24 3.23 -31.44
CA LYS B 253 -14.29 3.79 -32.42
C LYS B 253 -13.86 5.16 -31.89
N LYS B 254 -14.62 5.67 -30.93
CA LYS B 254 -14.33 6.93 -30.26
C LYS B 254 -14.74 6.71 -28.82
N PRO B 255 -14.03 5.79 -28.15
CA PRO B 255 -14.32 5.48 -26.75
C PRO B 255 -14.33 6.75 -25.90
N GLN B 256 -15.22 6.79 -24.92
CA GLN B 256 -15.30 7.94 -24.03
C GLN B 256 -14.12 7.80 -23.08
N PRO B 257 -13.84 8.86 -22.29
CA PRO B 257 -12.70 8.76 -21.37
C PRO B 257 -13.15 8.01 -20.11
N VAL B 258 -12.19 7.46 -19.37
CA VAL B 258 -12.49 6.72 -18.16
C VAL B 258 -13.09 7.62 -17.09
N SER B 259 -12.80 8.91 -17.20
CA SER B 259 -13.27 9.95 -16.29
C SER B 259 -14.79 10.04 -16.26
N LYS B 260 -15.40 9.77 -17.40
CA LYS B 260 -16.84 9.85 -17.54
C LYS B 260 -17.58 8.59 -17.12
N CYS B 261 -16.84 7.58 -16.72
CA CYS B 261 -17.44 6.31 -16.34
C CYS B 261 -18.41 6.30 -15.18
N THR B 262 -19.37 5.37 -15.25
CA THR B 262 -20.32 5.17 -14.18
C THR B 262 -20.36 3.65 -14.08
N ARG B 263 -20.78 3.12 -12.94
CA ARG B 263 -20.80 1.67 -12.81
C ARG B 263 -21.87 1.00 -13.68
N ASN B 264 -22.62 1.78 -14.44
CA ASN B 264 -23.64 1.15 -15.26
C ASN B 264 -23.24 0.87 -16.70
N GLU B 265 -22.16 1.49 -17.16
CA GLU B 265 -21.73 1.20 -18.52
C GLU B 265 -20.25 0.87 -18.63
N CYS B 266 -19.50 1.01 -17.54
CA CYS B 266 -18.08 0.67 -17.57
C CYS B 266 -17.88 -0.51 -16.63
N VAL B 267 -16.66 -1.04 -16.59
CA VAL B 267 -16.36 -2.19 -15.76
C VAL B 267 -14.95 -2.17 -15.22
N CYS B 268 -14.77 -2.50 -13.94
CA CYS B 268 -13.44 -2.54 -13.38
C CYS B 268 -12.93 -3.94 -13.55
N VAL B 269 -11.91 -4.06 -14.39
CA VAL B 269 -11.24 -5.33 -14.68
C VAL B 269 -10.77 -5.93 -13.35
N GLY B 270 -10.99 -7.22 -13.15
CA GLY B 270 -10.54 -7.80 -11.90
C GLY B 270 -11.45 -8.87 -11.36
N LEU B 271 -11.26 -9.21 -10.09
CA LEU B 271 -12.05 -10.23 -9.45
C LEU B 271 -13.52 -9.95 -9.44
N ASN B 272 -13.89 -8.67 -9.36
CA ASN B 272 -15.31 -8.30 -9.32
C ASN B 272 -15.84 -7.73 -10.60
N ALA B 273 -15.26 -8.09 -11.73
CA ALA B 273 -15.75 -7.61 -13.00
C ALA B 273 -17.22 -7.97 -13.13
N LYS B 274 -17.58 -9.21 -12.80
CA LYS B 274 -18.98 -9.66 -12.94
C LYS B 274 -20.02 -8.90 -12.11
N THR B 275 -19.56 -8.14 -11.12
CA THR B 275 -20.48 -7.40 -10.29
C THR B 275 -21.00 -6.19 -11.07
N TYR B 276 -20.35 -5.88 -12.21
CA TYR B 276 -20.80 -4.75 -13.06
C TYR B 276 -21.71 -5.38 -14.11
N PRO B 277 -22.85 -4.74 -14.41
CA PRO B 277 -23.84 -5.22 -15.37
C PRO B 277 -23.51 -5.20 -16.87
N LYS B 278 -22.75 -4.21 -17.31
CA LYS B 278 -22.42 -4.11 -18.72
C LYS B 278 -21.58 -5.32 -19.15
N THR B 279 -21.79 -5.80 -20.38
CA THR B 279 -21.12 -6.99 -20.91
C THR B 279 -20.59 -6.69 -22.30
N GLY B 280 -19.73 -7.55 -22.83
CA GLY B 280 -19.21 -7.37 -24.17
C GLY B 280 -17.75 -6.95 -24.25
N SER B 281 -17.38 -6.20 -25.27
CA SER B 281 -15.99 -5.71 -25.41
C SER B 281 -15.82 -4.29 -24.83
N PHE B 282 -14.66 -4.02 -24.28
CA PHE B 282 -14.41 -2.73 -23.67
C PHE B 282 -13.06 -2.31 -24.13
N TYR B 283 -12.86 -1.02 -24.26
CA TYR B 283 -11.54 -0.53 -24.60
C TYR B 283 -10.96 -0.19 -23.23
N VAL B 284 -9.67 -0.39 -23.05
CA VAL B 284 -9.03 -0.09 -21.78
C VAL B 284 -7.65 0.50 -22.00
N PRO B 285 -7.54 1.83 -21.92
CA PRO B 285 -6.25 2.52 -22.10
C PRO B 285 -5.34 2.12 -20.94
N VAL B 286 -4.02 2.16 -21.13
CA VAL B 286 -3.08 1.84 -20.07
C VAL B 286 -1.77 2.64 -20.06
N GLU B 287 -1.14 2.64 -18.90
CA GLU B 287 0.08 3.37 -18.69
C GLU B 287 1.27 2.50 -19.11
N SER B 288 2.45 3.10 -19.23
CA SER B 288 3.64 2.40 -19.68
C SER B 288 4.50 1.70 -18.62
N LYS B 289 4.29 2.02 -17.34
CA LYS B 289 5.05 1.36 -16.27
C LYS B 289 4.08 1.01 -15.14
N ALA B 290 4.46 0.06 -14.31
CA ALA B 290 3.62 -0.36 -13.20
C ALA B 290 3.17 0.89 -12.44
N PRO B 291 1.95 0.87 -11.89
CA PRO B 291 0.95 -0.21 -11.94
C PRO B 291 0.01 -0.10 -13.14
N TYR B 292 0.40 0.68 -14.14
CA TYR B 292 -0.40 0.80 -15.35
C TYR B 292 -1.82 1.36 -15.22
N CYS B 293 -2.35 1.43 -14.00
CA CYS B 293 -3.71 1.91 -13.76
C CYS B 293 -4.19 3.07 -14.64
N ASN B 294 -5.45 3.05 -15.05
CA ASN B 294 -5.95 4.13 -15.89
C ASN B 294 -6.89 5.11 -15.17
N ASN B 295 -6.92 5.03 -13.85
CA ASN B 295 -7.68 5.97 -13.01
C ASN B 295 -7.69 5.68 -11.52
N LYS B 296 -7.76 6.79 -10.77
CA LYS B 296 -7.80 6.84 -9.29
C LYS B 296 -9.21 6.66 -8.66
N GLY B 297 -10.25 6.97 -9.41
CA GLY B 297 -11.57 6.81 -8.87
C GLY B 297 -11.97 5.36 -8.89
N LYS B 298 -13.06 5.06 -8.22
CA LYS B 298 -13.62 3.71 -8.18
C LYS B 298 -15.06 3.87 -8.72
N ILE B 299 -15.67 2.78 -9.17
CA ILE B 299 -17.03 2.84 -9.67
C ILE B 299 -17.78 1.59 -9.29
N PRO C 3 -2.81 11.11 45.49
CA PRO C 3 -3.64 11.67 44.41
C PRO C 3 -2.87 11.50 43.10
N CYS C 4 -3.27 10.53 42.28
CA CYS C 4 -2.56 10.33 41.02
C CYS C 4 -1.02 10.13 41.21
N PRO C 5 -0.62 9.23 42.13
CA PRO C 5 0.74 8.88 42.53
C PRO C 5 1.68 8.08 41.64
N TYR C 6 2.98 8.29 41.86
CA TYR C 6 4.03 7.59 41.13
C TYR C 6 4.72 6.51 41.99
N SER C 7 5.02 5.40 41.36
CA SER C 7 5.69 4.33 42.06
C SER C 7 6.16 3.28 41.09
N ASP C 8 7.44 2.92 41.20
CA ASP C 8 8.03 1.94 40.32
C ASP C 8 7.16 0.70 40.09
N ASP C 9 6.64 0.09 41.15
CA ASP C 9 5.86 -1.09 40.85
C ASP C 9 4.58 -0.77 40.12
N THR C 10 4.13 0.48 40.11
CA THR C 10 2.89 0.72 39.39
C THR C 10 3.15 0.99 37.92
N VAL C 11 4.41 1.11 37.52
CA VAL C 11 4.72 1.32 36.11
C VAL C 11 4.79 -0.07 35.50
N LYS C 12 4.20 -0.23 34.34
CA LYS C 12 4.16 -1.52 33.66
C LYS C 12 4.64 -1.34 32.22
N MET C 13 4.99 -2.45 31.57
CA MET C 13 5.47 -2.39 30.19
C MET C 13 4.76 -3.44 29.35
N ILE C 14 4.80 -3.29 28.03
CA ILE C 14 4.25 -4.27 27.12
C ILE C 14 5.38 -4.40 26.12
N ILE C 15 5.89 -5.62 25.92
CA ILE C 15 7.00 -5.87 24.99
C ILE C 15 6.46 -6.54 23.72
N LEU C 16 6.54 -5.86 22.59
CA LEU C 16 6.04 -6.48 21.38
C LEU C 16 7.15 -6.70 20.38
N THR C 17 7.25 -7.94 19.91
CA THR C 17 8.24 -8.30 18.91
C THR C 17 7.43 -8.96 17.84
N ARG C 18 7.99 -9.09 16.64
CA ARG C 18 7.27 -9.74 15.54
C ARG C 18 6.62 -11.07 15.95
N GLU C 19 7.33 -11.85 16.76
CA GLU C 19 6.80 -13.13 17.21
C GLU C 19 6.32 -13.14 18.67
N ASN C 20 5.83 -12.01 19.16
CA ASN C 20 5.33 -11.91 20.53
C ASN C 20 4.38 -10.76 20.72
N LYS C 21 3.14 -10.95 20.27
CA LYS C 21 2.14 -9.91 20.41
C LYS C 21 1.26 -10.15 21.63
N LYS C 22 1.80 -10.90 22.58
CA LYS C 22 1.05 -11.15 23.79
C LYS C 22 0.88 -9.77 24.45
N HIS C 23 -0.33 -9.21 24.43
CA HIS C 23 -0.52 -7.92 25.09
C HIS C 23 -0.54 -8.11 26.60
N ASP C 24 0.57 -8.61 27.10
CA ASP C 24 0.77 -8.88 28.52
C ASP C 24 1.58 -7.76 29.10
N PHE C 25 1.41 -7.50 30.39
CA PHE C 25 2.14 -6.45 31.11
C PHE C 25 3.22 -7.06 31.97
N TYR C 26 4.40 -6.48 31.94
CA TYR C 26 5.51 -6.97 32.72
C TYR C 26 5.99 -5.85 33.63
N THR C 27 6.73 -6.17 34.67
CA THR C 27 7.25 -5.13 35.56
C THR C 27 8.74 -5.36 35.64
N LEU C 28 9.49 -4.49 36.33
CA LEU C 28 10.93 -4.69 36.44
C LEU C 28 11.19 -6.11 36.97
N ASP C 29 10.17 -6.74 37.53
CA ASP C 29 10.33 -8.10 38.05
C ASP C 29 10.01 -9.09 36.96
N THR C 30 8.73 -9.22 36.68
CA THR C 30 8.24 -10.16 35.69
C THR C 30 8.79 -9.98 34.28
N ILE C 31 9.67 -8.99 34.06
CA ILE C 31 10.21 -8.74 32.73
C ILE C 31 11.12 -9.85 32.17
N LYS C 32 12.01 -10.39 33.01
CA LYS C 32 12.91 -11.45 32.57
C LYS C 32 12.18 -12.70 32.09
N LYS C 33 10.91 -12.80 32.44
CA LYS C 33 10.09 -13.93 32.04
C LYS C 33 9.58 -13.83 30.59
N HIS C 34 9.80 -12.69 29.95
CA HIS C 34 9.36 -12.51 28.57
C HIS C 34 10.33 -13.21 27.65
N ASN C 35 9.81 -13.93 26.66
CA ASN C 35 10.67 -14.64 25.74
C ASN C 35 11.92 -13.90 25.29
N GLU C 36 11.73 -12.79 24.58
CA GLU C 36 12.85 -12.01 24.09
C GLU C 36 13.90 -11.73 25.15
N PHE C 37 13.47 -11.72 26.41
CA PHE C 37 14.40 -11.45 27.51
C PHE C 37 14.95 -12.71 28.19
N LYS C 38 14.80 -13.86 27.53
CA LYS C 38 15.29 -15.14 28.05
C LYS C 38 16.69 -15.39 27.46
N LYS C 39 16.99 -14.64 26.40
CA LYS C 39 18.27 -14.73 25.72
C LYS C 39 19.33 -13.93 26.51
N SER C 40 20.60 -14.13 26.18
CA SER C 40 21.70 -13.44 26.86
C SER C 40 21.95 -12.08 26.23
N THR C 41 21.54 -12.00 24.96
CA THR C 41 21.70 -10.82 24.13
C THR C 41 20.44 -10.56 23.31
N ILE C 42 20.01 -9.30 23.23
CA ILE C 42 18.83 -8.94 22.40
C ILE C 42 19.39 -8.29 21.16
N LYS C 43 19.02 -8.80 19.99
CA LYS C 43 19.57 -8.24 18.75
C LYS C 43 18.69 -7.28 17.98
N HIS C 44 17.45 -7.11 18.44
CA HIS C 44 16.53 -6.21 17.75
C HIS C 44 16.84 -4.76 18.06
N GLN C 45 16.27 -3.90 17.24
CA GLN C 45 16.37 -2.46 17.44
C GLN C 45 15.34 -2.26 18.56
N VAL C 46 15.65 -1.42 19.56
CA VAL C 46 14.69 -1.19 20.64
C VAL C 46 14.03 0.20 20.58
N VAL C 47 12.72 0.24 20.74
CA VAL C 47 11.99 1.52 20.79
C VAL C 47 11.00 1.63 21.94
N PHE C 48 11.16 2.59 22.85
CA PHE C 48 10.17 2.75 23.91
C PHE C 48 9.04 3.68 23.37
N ILE C 49 7.81 3.50 23.84
CA ILE C 49 6.70 4.37 23.44
C ILE C 49 6.02 4.74 24.74
N THR C 50 5.98 6.03 25.05
CA THR C 50 5.39 6.49 26.31
C THR C 50 4.22 7.43 26.09
N HIS C 51 3.06 7.07 26.65
CA HIS C 51 1.84 7.86 26.54
C HIS C 51 1.89 9.13 27.40
N GLY C 52 0.84 9.97 27.32
CA GLY C 52 0.81 11.21 28.10
C GLY C 52 -0.23 11.34 29.21
N PHE C 53 -0.61 12.56 29.53
CA PHE C 53 -1.60 12.84 30.57
C PHE C 53 -2.87 12.00 30.37
N THR C 54 -3.35 11.43 31.46
CA THR C 54 -4.55 10.56 31.50
C THR C 54 -4.73 9.55 30.39
N SER C 55 -3.65 8.91 29.96
CA SER C 55 -3.76 7.93 28.88
C SER C 55 -3.12 6.60 29.30
N SER C 56 -2.92 5.70 28.36
CA SER C 56 -2.29 4.43 28.70
C SER C 56 -1.71 3.73 27.47
N ALA C 57 -0.82 2.79 27.72
CA ALA C 57 -0.11 2.05 26.68
C ALA C 57 -0.97 1.32 25.68
N ASP C 58 -1.96 0.57 26.15
CA ASP C 58 -2.80 -0.20 25.26
C ASP C 58 -3.93 0.55 24.62
N THR C 59 -3.63 1.69 24.04
CA THR C 59 -4.65 2.44 23.37
C THR C 59 -4.40 2.24 21.87
N GLU C 60 -5.42 2.47 21.05
CA GLU C 60 -5.28 2.26 19.63
C GLU C 60 -4.04 2.88 19.01
N ASN C 61 -3.96 4.21 18.98
CA ASN C 61 -2.84 4.89 18.36
C ASN C 61 -1.45 4.37 18.78
N PHE C 62 -1.22 4.16 20.08
CA PHE C 62 0.07 3.64 20.52
C PHE C 62 0.23 2.16 20.14
N LEU C 63 -0.86 1.39 20.05
CA LEU C 63 -0.72 0.01 19.65
C LEU C 63 -0.49 -0.08 18.13
N ALA C 64 -1.00 0.90 17.41
CA ALA C 64 -0.83 0.94 15.98
C ALA C 64 0.63 1.24 15.69
N MET C 65 1.19 2.16 16.44
CA MET C 65 2.60 2.52 16.25
C MET C 65 3.47 1.33 16.67
N ALA C 66 3.09 0.60 17.70
CA ALA C 66 3.91 -0.51 18.13
C ALA C 66 3.99 -1.52 17.01
N LYS C 67 2.85 -1.71 16.33
CA LYS C 67 2.78 -2.67 15.25
C LYS C 67 3.54 -2.24 13.99
N ALA C 68 3.37 -0.99 13.60
CA ALA C 68 4.05 -0.49 12.42
C ALA C 68 5.57 -0.67 12.58
N LEU C 69 6.05 -0.67 13.82
CA LEU C 69 7.49 -0.85 14.06
C LEU C 69 7.86 -2.33 13.97
N SER C 70 7.26 -3.15 14.84
CA SER C 70 7.52 -4.59 14.89
C SER C 70 7.44 -5.23 13.51
N ASP C 71 6.42 -4.87 12.74
CA ASP C 71 6.26 -5.42 11.40
C ASP C 71 7.52 -5.25 10.56
N LYS C 72 8.33 -4.23 10.87
CA LYS C 72 9.57 -4.00 10.12
C LYS C 72 10.73 -4.81 10.71
N GLY C 73 10.51 -6.13 10.74
CA GLY C 73 11.49 -7.10 11.19
C GLY C 73 12.21 -7.11 12.52
N ASN C 74 13.28 -6.33 12.65
CA ASN C 74 14.06 -6.36 13.87
C ASN C 74 13.78 -5.33 14.93
N TYR C 75 12.50 -5.12 15.22
CA TYR C 75 12.13 -4.15 16.24
C TYR C 75 11.49 -4.77 17.49
N LEU C 76 12.02 -4.40 18.65
CA LEU C 76 11.50 -4.88 19.93
C LEU C 76 10.87 -3.62 20.58
N VAL C 77 9.55 -3.62 20.64
CA VAL C 77 8.81 -2.51 21.18
C VAL C 77 8.36 -2.64 22.61
N ILE C 78 8.72 -1.64 23.40
CA ILE C 78 8.35 -1.60 24.80
C ILE C 78 7.52 -0.34 24.97
N LEU C 79 6.26 -0.53 25.32
CA LEU C 79 5.36 0.58 25.57
C LEU C 79 5.34 0.79 27.06
N ILE C 80 5.68 1.99 27.51
CA ILE C 80 5.67 2.30 28.93
C ILE C 80 4.27 2.72 29.34
N ASP C 81 3.73 2.09 30.38
CA ASP C 81 2.38 2.39 30.86
C ASP C 81 2.51 2.94 32.28
N TRP C 82 2.14 4.21 32.46
CA TRP C 82 2.24 4.83 33.78
C TRP C 82 0.90 5.50 34.09
N ARG C 83 -0.19 4.84 33.73
CA ARG C 83 -1.54 5.37 33.90
C ARG C 83 -1.94 6.02 35.23
N VAL C 84 -1.45 5.52 36.34
CA VAL C 84 -1.80 6.12 37.62
C VAL C 84 -1.00 7.41 37.88
N ALA C 85 0.25 7.40 37.46
CA ALA C 85 1.13 8.56 37.61
C ALA C 85 0.73 9.61 36.58
N ALA C 86 -0.05 9.17 35.58
CA ALA C 86 -0.52 10.09 34.56
C ALA C 86 -1.97 10.56 34.82
N CYS C 87 -2.50 10.16 35.98
CA CYS C 87 -3.86 10.47 36.47
C CYS C 87 -4.98 9.82 35.70
N THR C 88 -4.66 8.88 34.84
CA THR C 88 -5.67 8.21 34.03
C THR C 88 -6.71 7.62 34.96
N GLU C 89 -6.21 6.90 35.95
CA GLU C 89 -7.04 6.22 36.90
C GLU C 89 -7.83 7.06 37.89
N GLU C 90 -8.32 8.23 37.49
CA GLU C 90 -9.12 9.02 38.43
C GLU C 90 -9.61 10.38 38.00
N MET C 91 -9.89 10.57 36.71
CA MET C 91 -10.36 11.87 36.26
C MET C 91 -11.67 12.31 36.97
N SER C 92 -11.53 12.74 38.22
CA SER C 92 -12.66 13.17 39.05
C SER C 92 -12.69 14.69 39.30
N GLY C 93 -12.76 15.48 38.24
CA GLY C 93 -12.84 16.92 38.43
C GLY C 93 -11.70 17.82 38.01
N ILE C 94 -11.17 18.57 38.98
CA ILE C 94 -10.08 19.54 38.80
C ILE C 94 -8.94 19.09 37.86
N GLN C 95 -9.17 19.28 36.57
CA GLN C 95 -8.20 18.87 35.58
C GLN C 95 -6.85 19.57 35.74
N LEU C 96 -6.87 20.88 35.93
CA LEU C 96 -5.63 21.63 36.05
C LEU C 96 -4.71 21.19 37.19
N ALA C 97 -5.32 20.66 38.26
CA ALA C 97 -4.57 20.13 39.40
C ALA C 97 -3.97 18.78 39.00
N TYR C 98 -4.81 17.92 38.41
CA TYR C 98 -4.38 16.59 37.94
C TYR C 98 -3.22 16.73 36.95
N TYR C 99 -3.34 17.67 36.03
CA TYR C 99 -2.26 17.90 35.06
C TYR C 99 -0.97 18.21 35.80
N SER C 100 -1.03 19.00 36.86
CA SER C 100 0.22 19.35 37.56
C SER C 100 0.81 18.13 38.23
N TYR C 101 -0.06 17.27 38.75
CA TYR C 101 0.41 16.08 39.38
C TYR C 101 1.21 15.25 38.35
N ALA C 102 0.57 14.88 37.23
CA ALA C 102 1.22 14.08 36.19
C ALA C 102 2.51 14.71 35.68
N ALA C 103 2.50 16.02 35.55
CA ALA C 103 3.65 16.75 35.06
C ALA C 103 4.87 16.55 35.98
N SER C 104 4.66 16.46 37.28
CA SER C 104 5.78 16.26 38.18
C SER C 104 6.28 14.85 38.11
N ASN C 105 5.38 13.92 37.86
CA ASN C 105 5.75 12.52 37.80
C ASN C 105 6.60 12.19 36.57
N THR C 106 6.68 13.14 35.64
CA THR C 106 7.41 12.87 34.41
C THR C 106 8.88 12.56 34.54
N ARG C 107 9.57 13.15 35.51
CA ARG C 107 10.99 12.86 35.65
C ARG C 107 11.14 11.45 36.24
N LEU C 108 10.18 11.04 37.07
CA LEU C 108 10.19 9.71 37.69
C LEU C 108 9.98 8.59 36.64
N VAL C 109 8.99 8.75 35.77
CA VAL C 109 8.79 7.73 34.76
C VAL C 109 10.05 7.74 33.88
N GLY C 110 10.64 8.91 33.71
CA GLY C 110 11.86 9.01 32.93
C GLY C 110 13.00 8.18 33.54
N ASN C 111 13.16 8.30 34.86
CA ASN C 111 14.20 7.55 35.55
C ASN C 111 13.99 6.06 35.30
N TYR C 112 12.72 5.67 35.41
CA TYR C 112 12.31 4.28 35.22
C TYR C 112 12.78 3.76 33.85
N ILE C 113 12.45 4.49 32.79
CA ILE C 113 12.87 4.11 31.45
C ILE C 113 14.41 4.00 31.36
N ALA C 114 15.11 4.86 32.10
CA ALA C 114 16.56 4.88 32.14
C ALA C 114 17.10 3.65 32.85
N THR C 115 16.37 3.19 33.84
CA THR C 115 16.81 2.03 34.57
C THR C 115 16.70 0.84 33.62
N VAL C 116 15.56 0.78 32.91
CA VAL C 116 15.31 -0.30 31.95
C VAL C 116 16.38 -0.27 30.84
N THR C 117 16.81 0.96 30.49
CA THR C 117 17.82 1.15 29.45
C THR C 117 19.15 0.63 29.99
N LYS C 118 19.46 0.96 31.24
CA LYS C 118 20.70 0.48 31.84
C LYS C 118 20.74 -1.04 31.73
N MET C 119 19.60 -1.67 31.94
CA MET C 119 19.47 -3.12 31.87
C MET C 119 19.61 -3.69 30.47
N LEU C 120 19.07 -2.98 29.47
CA LEU C 120 19.18 -3.51 28.11
C LEU C 120 20.64 -3.45 27.71
N VAL C 121 21.30 -2.37 28.08
CA VAL C 121 22.69 -2.15 27.75
C VAL C 121 23.65 -3.12 28.46
N GLN C 122 23.62 -3.08 29.79
CA GLN C 122 24.50 -3.90 30.60
C GLN C 122 24.24 -5.42 30.64
N LYS C 123 22.98 -5.82 30.68
CA LYS C 123 22.66 -7.24 30.75
C LYS C 123 22.26 -7.91 29.45
N TYR C 124 22.02 -7.14 28.40
CA TYR C 124 21.65 -7.76 27.15
C TYR C 124 22.50 -7.28 26.02
N ASN C 125 23.50 -6.48 26.36
CA ASN C 125 24.44 -5.94 25.40
C ASN C 125 23.71 -5.25 24.28
N VAL C 126 22.77 -4.39 24.65
CA VAL C 126 22.03 -3.64 23.65
C VAL C 126 22.78 -2.32 23.57
N PRO C 127 23.37 -2.02 22.42
CA PRO C 127 24.10 -0.76 22.30
C PRO C 127 23.14 0.43 22.28
N MET C 128 23.57 1.54 22.88
CA MET C 128 22.73 2.74 22.92
C MET C 128 22.34 3.14 21.48
N ALA C 129 23.23 2.92 20.53
CA ALA C 129 22.97 3.28 19.15
C ALA C 129 21.74 2.59 18.62
N ASN C 130 21.36 1.52 19.30
CA ASN C 130 20.20 0.71 18.95
C ASN C 130 18.93 1.02 19.75
N ILE C 131 18.96 2.08 20.56
CA ILE C 131 17.78 2.41 21.34
C ILE C 131 17.15 3.77 20.99
N ARG C 132 15.83 3.78 20.83
CA ARG C 132 15.07 5.01 20.54
C ARG C 132 13.90 5.10 21.49
N LEU C 133 13.56 6.34 21.84
CA LEU C 133 12.44 6.68 22.70
C LEU C 133 11.47 7.59 21.93
N ILE C 134 10.20 7.21 21.98
CA ILE C 134 9.13 7.96 21.37
C ILE C 134 8.16 8.28 22.53
N GLY C 135 7.78 9.55 22.65
CA GLY C 135 6.88 9.93 23.71
C GLY C 135 5.90 10.95 23.20
N HIS C 136 4.68 10.93 23.75
CA HIS C 136 3.65 11.87 23.36
C HIS C 136 3.21 12.76 24.52
N SER C 137 3.05 14.06 24.26
CA SER C 137 2.59 14.99 25.30
C SER C 137 3.52 14.94 26.52
N LEU C 138 2.99 14.61 27.69
CA LEU C 138 3.82 14.53 28.88
C LEU C 138 4.84 13.41 28.69
N GLY C 139 4.54 12.47 27.81
CA GLY C 139 5.44 11.37 27.55
C GLY C 139 6.68 11.78 26.80
N ALA C 140 6.66 12.97 26.20
CA ALA C 140 7.84 13.45 25.46
C ALA C 140 8.85 13.90 26.51
N HIS C 141 8.38 14.76 27.43
CA HIS C 141 9.22 15.26 28.52
C HIS C 141 9.81 14.08 29.31
N THR C 142 8.95 13.10 29.62
CA THR C 142 9.35 11.86 30.29
C THR C 142 10.56 11.24 29.58
N SER C 143 10.45 11.16 28.26
CA SER C 143 11.48 10.59 27.41
C SER C 143 12.71 11.51 27.46
N GLY C 144 12.50 12.81 27.53
CA GLY C 144 13.67 13.66 27.61
C GLY C 144 14.41 13.41 28.94
N PHE C 145 13.65 13.37 30.04
CA PHE C 145 14.27 13.14 31.32
C PHE C 145 15.00 11.82 31.27
N ALA C 146 14.44 10.85 30.57
CA ALA C 146 15.10 9.56 30.43
C ALA C 146 16.44 9.81 29.76
N GLY C 147 16.46 10.62 28.72
CA GLY C 147 17.70 10.92 28.01
C GLY C 147 18.75 11.56 28.91
N LYS C 148 18.31 12.38 29.84
CA LYS C 148 19.24 12.98 30.76
C LYS C 148 19.77 11.92 31.73
N LYS C 149 18.87 11.15 32.32
CA LYS C 149 19.31 10.18 33.28
C LYS C 149 20.38 9.26 32.74
N VAL C 150 20.16 8.69 31.55
CA VAL C 150 21.18 7.80 31.01
C VAL C 150 22.56 8.46 30.86
N GLN C 151 22.59 9.74 30.54
CA GLN C 151 23.87 10.41 30.40
C GLN C 151 24.41 10.39 31.79
N GLU C 152 23.65 10.97 32.71
CA GLU C 152 24.05 11.00 34.09
C GLU C 152 24.53 9.64 34.55
N LEU C 153 23.96 8.57 33.99
CA LEU C 153 24.33 7.20 34.36
C LEU C 153 25.61 6.74 33.65
N GLY C 154 26.18 7.61 32.84
CA GLY C 154 27.39 7.25 32.13
C GLY C 154 27.16 6.20 31.07
N LEU C 155 26.02 6.31 30.37
CA LEU C 155 25.70 5.32 29.34
C LEU C 155 25.85 5.93 27.98
N GLY C 156 26.07 7.24 27.96
CA GLY C 156 26.18 7.94 26.70
C GLY C 156 24.78 8.40 26.31
N LYS C 157 24.53 8.63 25.02
CA LYS C 157 23.22 9.09 24.61
C LYS C 157 22.39 8.11 23.80
N TYR C 158 21.08 8.30 23.85
CA TYR C 158 20.17 7.49 23.09
C TYR C 158 20.45 7.91 21.65
N SER C 159 20.20 7.03 20.71
CA SER C 159 20.45 7.42 19.34
C SER C 159 19.45 8.49 18.99
N GLU C 160 18.23 8.37 19.46
CA GLU C 160 17.24 9.35 19.11
C GLU C 160 16.07 9.39 20.03
N ILE C 161 15.55 10.59 20.26
CA ILE C 161 14.37 10.77 21.08
C ILE C 161 13.35 11.46 20.19
N ILE C 162 12.16 10.89 20.10
CA ILE C 162 11.12 11.48 19.25
C ILE C 162 9.96 11.97 20.08
N GLY C 163 9.76 13.28 20.04
CA GLY C 163 8.69 13.90 20.80
C GLY C 163 7.46 14.30 19.99
N LEU C 164 6.42 13.50 20.15
CA LEU C 164 5.17 13.76 19.46
C LEU C 164 4.35 14.75 20.23
N ASP C 165 4.30 15.95 19.70
CA ASP C 165 3.60 17.05 20.28
C ASP C 165 3.77 17.24 21.77
N PRO C 166 4.99 17.59 22.16
CA PRO C 166 5.38 17.82 23.55
C PRO C 166 4.44 18.79 24.27
N ALA C 167 3.96 18.35 25.44
CA ALA C 167 3.06 19.18 26.25
C ALA C 167 3.61 20.60 26.45
N GLY C 168 2.76 21.59 26.18
CA GLY C 168 3.19 22.97 26.31
C GLY C 168 3.03 23.55 27.70
N PRO C 169 1.84 23.49 28.30
CA PRO C 169 1.64 24.03 29.63
C PRO C 169 2.50 23.36 30.70
N SER C 170 3.31 24.19 31.38
CA SER C 170 4.22 23.78 32.46
C SER C 170 5.60 23.45 31.97
N PHE C 171 5.81 23.59 30.66
CA PHE C 171 7.10 23.27 30.07
C PHE C 171 7.66 24.29 29.09
N LYS C 172 6.83 24.77 28.17
CA LYS C 172 7.26 25.72 27.14
C LYS C 172 8.38 26.70 27.50
N SER C 173 8.33 27.25 28.70
CA SER C 173 9.37 28.19 29.08
C SER C 173 10.35 27.72 30.16
N ASN C 174 10.46 26.41 30.35
CA ASN C 174 11.37 25.83 31.34
C ASN C 174 12.71 25.87 30.65
N ASP C 175 13.78 25.70 31.39
CA ASP C 175 15.10 25.69 30.79
C ASP C 175 15.26 24.30 30.26
N CYS C 176 16.29 24.10 29.48
CA CYS C 176 16.57 22.80 28.88
C CYS C 176 16.64 21.63 29.86
N SER C 177 17.04 21.88 31.11
CA SER C 177 17.14 20.82 32.12
C SER C 177 15.75 20.40 32.66
N GLU C 178 14.73 21.21 32.41
CA GLU C 178 13.39 20.90 32.91
C GLU C 178 12.36 20.56 31.85
N ARG C 179 12.80 20.12 30.67
CA ARG C 179 11.88 19.78 29.57
C ARG C 179 12.63 18.96 28.52
N ILE C 180 11.92 18.48 27.49
CA ILE C 180 12.60 17.69 26.45
C ILE C 180 13.47 18.75 25.86
N CYS C 181 14.66 18.37 25.44
CA CYS C 181 15.58 19.37 24.93
C CYS C 181 16.44 18.83 23.82
N LYS C 182 16.86 19.71 22.90
CA LYS C 182 17.67 19.27 21.78
C LYS C 182 18.85 18.43 22.22
N THR C 183 19.36 18.63 23.43
CA THR C 183 20.51 17.85 23.92
C THR C 183 20.24 16.44 24.53
N ASP C 184 18.97 16.10 24.78
CA ASP C 184 18.63 14.82 25.39
C ASP C 184 19.09 13.51 24.69
N ALA C 185 19.38 13.55 23.38
CA ALA C 185 19.87 12.38 22.66
C ALA C 185 20.68 12.86 21.48
N HIS C 186 21.29 11.97 20.70
CA HIS C 186 22.06 12.41 19.55
C HIS C 186 21.19 13.12 18.53
N TYR C 187 19.96 12.62 18.36
CA TYR C 187 19.00 13.22 17.45
C TYR C 187 17.66 13.32 18.21
N VAL C 188 17.04 14.51 18.16
CA VAL C 188 15.79 14.74 18.84
C VAL C 188 14.80 15.26 17.81
N GLN C 189 13.75 14.47 17.58
CA GLN C 189 12.76 14.83 16.57
C GLN C 189 11.44 15.25 17.18
N ILE C 190 11.07 16.50 16.97
CA ILE C 190 9.85 17.05 17.52
C ILE C 190 8.78 17.34 16.48
N ILE C 191 7.61 16.74 16.69
CA ILE C 191 6.46 16.87 15.81
C ILE C 191 5.53 17.83 16.53
N HIS C 192 5.26 18.98 15.89
CA HIS C 192 4.35 20.01 16.42
C HIS C 192 2.96 19.93 15.74
N THR C 193 1.89 19.78 16.51
CA THR C 193 0.58 19.72 15.89
C THR C 193 -0.48 20.59 16.54
N SER C 194 -0.28 20.92 17.81
CA SER C 194 -1.26 21.79 18.47
C SER C 194 -0.47 22.80 19.28
N ASN C 195 -1.08 23.96 19.51
CA ASN C 195 -0.43 25.07 20.21
C ASN C 195 -0.95 25.46 21.59
N HIS C 196 -2.03 24.85 22.03
CA HIS C 196 -2.51 25.17 23.36
C HIS C 196 -2.09 24.06 24.24
N LEU C 197 -2.40 22.82 23.81
CA LEU C 197 -1.99 21.61 24.53
C LEU C 197 -0.50 21.33 24.23
N GLY C 198 -0.07 21.62 23.00
CA GLY C 198 1.33 21.41 22.66
C GLY C 198 1.96 22.78 22.75
N THR C 199 3.05 23.01 22.03
CA THR C 199 3.70 24.31 22.07
C THR C 199 4.47 24.53 20.81
N LEU C 200 4.50 25.78 20.35
CA LEU C 200 5.21 26.13 19.14
C LEU C 200 6.70 26.27 19.33
N VAL C 201 7.14 26.42 20.58
CA VAL C 201 8.56 26.60 20.86
C VAL C 201 9.46 25.51 20.32
N THR C 202 10.64 25.87 19.86
CA THR C 202 11.52 24.85 19.34
C THR C 202 12.15 24.02 20.45
N LEU C 203 12.16 22.72 20.25
CA LEU C 203 12.66 21.81 21.25
C LEU C 203 13.60 20.74 20.75
N GLY C 204 13.93 20.69 19.47
CA GLY C 204 14.80 19.60 19.04
C GLY C 204 15.86 19.88 18.02
N THR C 205 16.47 18.81 17.52
CA THR C 205 17.51 18.96 16.52
C THR C 205 16.77 19.42 15.29
N VAL C 206 15.52 18.97 15.23
CA VAL C 206 14.61 19.22 14.12
C VAL C 206 13.23 19.41 14.72
N ASP C 207 12.51 20.43 14.27
CA ASP C 207 11.14 20.68 14.72
C ASP C 207 10.27 20.77 13.49
N PHE C 208 9.37 19.81 13.37
CA PHE C 208 8.44 19.73 12.27
C PHE C 208 7.15 20.39 12.73
N MET C 209 6.75 21.44 12.00
CA MET C 209 5.56 22.19 12.36
C MET C 209 4.51 21.89 11.30
N ASN C 210 3.75 20.84 11.58
CA ASN C 210 2.69 20.39 10.70
C ASN C 210 1.61 21.48 10.97
N ASN C 211 1.97 22.69 10.48
CA ASN C 211 1.29 24.00 10.56
C ASN C 211 1.88 25.05 11.54
N GLY C 212 1.95 24.82 12.87
CA GLY C 212 1.54 23.60 13.55
C GLY C 212 0.51 23.75 14.69
N TYR C 213 -0.76 23.84 14.28
CA TYR C 213 -1.92 23.97 15.17
C TYR C 213 -3.13 23.75 14.28
N ASN C 214 -4.29 23.51 14.86
CA ASN C 214 -5.51 23.31 14.08
C ASN C 214 -5.37 22.32 12.94
N GLN C 215 -4.94 21.11 13.25
CA GLN C 215 -4.80 20.11 12.22
C GLN C 215 -6.05 20.02 11.35
N PRO C 216 -5.88 19.82 10.04
CA PRO C 216 -6.96 19.69 9.05
C PRO C 216 -7.91 18.53 9.34
N GLY C 217 -9.22 18.79 9.37
CA GLY C 217 -10.16 17.71 9.64
C GLY C 217 -10.37 17.42 11.12
N CYS C 218 -9.77 18.26 11.97
CA CYS C 218 -9.92 18.06 13.40
C CYS C 218 -11.09 18.81 14.03
N GLY C 219 -11.64 19.77 13.30
CA GLY C 219 -12.76 20.52 13.84
C GLY C 219 -12.43 21.98 13.99
N LEU C 220 -13.19 22.67 14.83
CA LEU C 220 -12.91 24.09 15.03
C LEU C 220 -11.67 24.29 15.89
N PRO C 221 -10.91 25.34 15.58
CA PRO C 221 -9.69 25.70 16.28
C PRO C 221 -9.53 25.25 17.72
N LEU C 222 -10.51 25.53 18.57
CA LEU C 222 -10.35 25.13 19.96
C LEU C 222 -11.15 23.89 20.33
N ILE C 223 -12.20 23.62 19.58
CA ILE C 223 -12.96 22.43 19.91
C ILE C 223 -12.15 21.22 19.49
N GLY C 224 -11.40 21.35 18.39
CA GLY C 224 -10.60 20.23 17.90
C GLY C 224 -9.18 20.13 18.45
N GLU C 225 -8.84 20.95 19.45
CA GLU C 225 -7.52 20.97 20.07
C GLU C 225 -7.08 19.55 20.41
N THR C 226 -7.91 18.83 21.15
CA THR C 226 -7.60 17.47 21.54
C THR C 226 -7.27 16.52 20.40
N CYS C 227 -7.89 16.76 19.25
CA CYS C 227 -7.70 15.96 18.03
C CYS C 227 -6.37 16.30 17.34
N SER C 228 -6.08 17.60 17.27
CA SER C 228 -4.86 18.10 16.66
C SER C 228 -3.70 17.58 17.49
N HIS C 229 -3.89 17.58 18.81
CA HIS C 229 -2.87 17.09 19.73
C HIS C 229 -2.56 15.58 19.50
N THR C 230 -3.59 14.76 19.29
CA THR C 230 -3.45 13.33 19.06
C THR C 230 -2.95 13.04 17.66
N ARG C 231 -3.18 13.98 16.74
CA ARG C 231 -2.75 13.87 15.35
C ARG C 231 -1.24 13.70 15.23
N ALA C 232 -0.49 14.02 16.29
CA ALA C 232 0.98 13.87 16.28
C ALA C 232 1.36 12.39 16.26
N VAL C 233 0.67 11.60 17.09
CA VAL C 233 0.93 10.17 17.17
C VAL C 233 0.51 9.51 15.85
N LYS C 234 -0.68 9.84 15.35
CA LYS C 234 -1.16 9.21 14.12
C LYS C 234 -0.24 9.57 12.96
N TYR C 235 0.32 10.78 12.94
CA TYR C 235 1.20 11.15 11.83
C TYR C 235 2.46 10.32 11.86
N PHE C 236 3.04 10.18 13.05
CA PHE C 236 4.29 9.47 13.11
C PHE C 236 4.12 8.05 12.69
N THR C 237 3.01 7.44 13.07
CA THR C 237 2.79 6.06 12.69
C THR C 237 2.77 5.89 11.16
N GLU C 238 2.04 6.76 10.45
CA GLU C 238 1.98 6.69 8.97
C GLU C 238 3.35 6.87 8.32
N CYS C 239 4.22 7.63 8.99
CA CYS C 239 5.55 7.88 8.49
C CYS C 239 6.46 6.70 8.74
N ILE C 240 6.07 5.82 9.65
CA ILE C 240 6.88 4.64 9.89
C ILE C 240 6.42 3.67 8.84
N LYS C 241 5.13 3.70 8.56
CA LYS C 241 4.49 2.84 7.59
C LYS C 241 4.96 3.21 6.21
N HIS C 242 4.68 4.45 5.80
CA HIS C 242 5.06 4.98 4.50
C HIS C 242 6.21 5.99 4.62
N GLU C 243 7.40 5.60 4.16
CA GLU C 243 8.58 6.46 4.21
C GLU C 243 8.30 7.67 3.35
N CYS C 244 8.54 8.84 3.92
CA CYS C 244 8.33 10.11 3.24
C CYS C 244 6.88 10.46 3.06
N CYS C 245 6.03 9.80 3.83
CA CYS C 245 4.61 10.14 3.80
C CYS C 245 4.51 11.65 4.08
N LEU C 246 5.27 12.14 5.05
CA LEU C 246 5.26 13.57 5.36
C LEU C 246 6.65 14.15 5.16
N ILE C 247 6.74 15.10 4.24
CA ILE C 247 7.97 15.77 3.90
C ILE C 247 7.98 17.19 4.43
N GLY C 248 9.02 17.55 5.16
CA GLY C 248 9.06 18.89 5.70
C GLY C 248 9.99 19.74 4.89
N VAL C 249 9.57 20.97 4.62
CA VAL C 249 10.40 21.88 3.86
C VAL C 249 10.90 22.91 4.85
N PRO C 250 12.02 23.58 4.55
CA PRO C 250 12.51 24.58 5.49
C PRO C 250 11.43 25.58 5.89
N GLN C 251 11.30 25.76 7.20
CA GLN C 251 10.31 26.67 7.76
C GLN C 251 10.55 28.02 7.13
N SER C 252 9.49 28.57 6.54
CA SER C 252 9.58 29.85 5.86
C SER C 252 8.25 30.58 5.86
N LYS C 253 8.34 31.89 5.67
CA LYS C 253 7.16 32.76 5.61
C LYS C 253 6.38 32.33 4.36
N LYS C 254 7.11 31.95 3.31
CA LYS C 254 6.52 31.47 2.08
C LYS C 254 7.24 30.15 1.74
N PRO C 255 6.87 29.06 2.44
CA PRO C 255 7.49 27.76 2.20
C PRO C 255 7.30 27.19 0.81
N GLN C 256 8.40 26.75 0.22
CA GLN C 256 8.37 26.19 -1.11
C GLN C 256 7.48 24.96 -1.01
N PRO C 257 7.06 24.43 -2.16
CA PRO C 257 6.21 23.23 -2.11
C PRO C 257 7.04 21.96 -1.98
N VAL C 258 6.41 20.92 -1.45
CA VAL C 258 7.04 19.61 -1.24
C VAL C 258 7.55 19.01 -2.55
N SER C 259 6.80 19.24 -3.63
CA SER C 259 7.16 18.72 -4.94
C SER C 259 8.51 19.22 -5.41
N LYS C 260 8.93 20.38 -4.97
CA LYS C 260 10.23 20.93 -5.37
C LYS C 260 11.40 20.43 -4.53
N CYS C 261 11.11 19.64 -3.51
CA CYS C 261 12.11 19.08 -2.61
C CYS C 261 13.23 18.22 -3.17
N THR C 262 14.36 18.23 -2.48
CA THR C 262 15.51 17.39 -2.79
C THR C 262 16.00 16.97 -1.40
N ARG C 263 16.83 15.94 -1.32
CA ARG C 263 17.28 15.48 -0.02
C ARG C 263 18.26 16.40 0.68
N ASN C 264 18.69 17.48 0.04
CA ASN C 264 19.61 18.38 0.72
C ASN C 264 18.97 19.51 1.56
N GLU C 265 17.71 19.88 1.30
CA GLU C 265 17.09 20.91 2.12
C GLU C 265 15.80 20.47 2.79
N CYS C 266 15.24 19.34 2.36
CA CYS C 266 14.02 18.82 2.98
C CYS C 266 14.32 17.58 3.84
N VAL C 267 13.36 17.14 4.65
CA VAL C 267 13.58 15.99 5.51
C VAL C 267 12.31 15.17 5.62
N CYS C 268 12.42 13.85 5.44
CA CYS C 268 11.26 12.97 5.57
C CYS C 268 11.07 12.61 7.04
N VAL C 269 10.04 13.18 7.66
CA VAL C 269 9.71 12.91 9.04
C VAL C 269 9.72 11.41 9.26
N GLY C 270 10.24 10.95 10.38
CA GLY C 270 10.21 9.53 10.60
C GLY C 270 11.43 8.97 11.30
N LEU C 271 11.57 7.64 11.28
CA LEU C 271 12.69 6.97 11.92
C LEU C 271 14.00 7.36 11.26
N ASN C 272 13.93 7.65 9.96
CA ASN C 272 15.13 8.00 9.17
C ASN C 272 15.39 9.47 8.94
N ALA C 273 14.69 10.34 9.66
CA ALA C 273 14.83 11.80 9.50
C ALA C 273 16.26 12.27 9.63
N LYS C 274 16.97 11.77 10.65
CA LYS C 274 18.36 12.12 10.91
C LYS C 274 19.31 11.77 9.75
N THR C 275 18.92 10.85 8.86
CA THR C 275 19.79 10.54 7.74
C THR C 275 19.80 11.74 6.78
N TYR C 276 18.91 12.71 7.03
CA TYR C 276 18.79 13.89 6.19
C TYR C 276 19.60 15.02 6.83
N PRO C 277 20.52 15.63 6.06
CA PRO C 277 21.40 16.72 6.48
C PRO C 277 20.87 18.04 7.00
N LYS C 278 19.74 18.49 6.48
CA LYS C 278 19.24 19.76 6.97
C LYS C 278 18.67 19.65 8.36
N THR C 279 18.98 20.65 9.17
CA THR C 279 18.54 20.69 10.54
C THR C 279 17.60 21.86 10.76
N GLY C 280 16.99 21.93 11.95
CA GLY C 280 16.10 23.05 12.30
C GLY C 280 14.57 22.91 12.22
N SER C 281 13.90 24.03 11.95
CA SER C 281 12.44 24.02 11.85
C SER C 281 11.98 23.82 10.40
N PHE C 282 10.93 23.05 10.23
CA PHE C 282 10.42 22.74 8.92
C PHE C 282 8.94 22.95 8.93
N TYR C 283 8.39 23.21 7.75
CA TYR C 283 6.97 23.37 7.64
C TYR C 283 6.49 22.07 7.01
N VAL C 284 5.40 21.52 7.52
CA VAL C 284 4.84 20.29 6.96
C VAL C 284 3.34 20.36 6.71
N PRO C 285 2.95 20.69 5.46
CA PRO C 285 1.53 20.77 5.13
C PRO C 285 0.99 19.34 5.26
N VAL C 286 -0.29 19.19 5.55
CA VAL C 286 -0.85 17.83 5.66
C VAL C 286 -2.25 17.72 5.06
N GLU C 287 -2.67 16.50 4.84
CA GLU C 287 -3.96 16.29 4.26
C GLU C 287 -4.90 16.01 5.45
N SER C 288 -6.20 16.18 5.23
CA SER C 288 -7.21 16.02 6.28
C SER C 288 -7.69 14.63 6.67
N LYS C 289 -7.25 13.58 5.98
CA LYS C 289 -7.71 12.24 6.34
C LYS C 289 -6.56 11.25 6.24
N ALA C 290 -6.61 10.18 7.04
CA ALA C 290 -5.58 9.16 7.01
C ALA C 290 -5.29 8.75 5.54
N PRO C 291 -4.01 8.52 5.19
CA PRO C 291 -2.74 8.57 5.91
C PRO C 291 -2.08 9.95 5.96
N TYR C 292 -2.86 11.00 5.69
CA TYR C 292 -2.35 12.37 5.76
C TYR C 292 -1.11 12.74 4.91
N CYS C 293 -0.43 11.78 4.32
CA CYS C 293 0.76 12.05 3.49
C CYS C 293 0.70 13.26 2.55
N ASN C 294 1.81 13.99 2.41
CA ASN C 294 1.84 15.18 1.54
C ASN C 294 2.69 15.05 0.28
N ASN C 295 3.09 13.82 -0.03
CA ASN C 295 3.85 13.49 -1.25
C ASN C 295 4.08 12.00 -1.44
N LYS C 296 3.91 11.62 -2.71
CA LYS C 296 4.07 10.25 -3.24
C LYS C 296 5.54 9.98 -3.61
N GLY C 297 6.31 11.06 -3.85
CA GLY C 297 7.72 10.92 -4.17
C GLY C 297 8.50 10.65 -2.89
N LYS C 298 9.68 10.07 -3.02
CA LYS C 298 10.51 9.79 -1.86
C LYS C 298 11.73 10.60 -2.17
N ILE C 299 12.56 10.87 -1.16
CA ILE C 299 13.77 11.68 -1.37
C ILE C 299 14.84 11.13 -0.44
N PRO D 3 25.17 -3.07 -42.52
CA PRO D 3 24.67 -4.21 -41.70
C PRO D 3 24.66 -3.84 -40.22
N CYS D 4 23.51 -3.43 -39.70
CA CYS D 4 23.44 -3.05 -38.29
C CYS D 4 24.55 -2.00 -38.01
N PRO D 5 24.61 -0.93 -38.83
CA PRO D 5 25.56 0.20 -38.85
C PRO D 5 25.55 1.27 -37.79
N TYR D 6 26.71 1.91 -37.63
CA TYR D 6 26.89 2.97 -36.65
C TYR D 6 27.14 4.33 -37.23
N SER D 7 26.59 5.34 -36.57
CA SER D 7 26.81 6.70 -37.03
C SER D 7 26.39 7.66 -35.95
N ASP D 8 27.23 8.66 -35.72
CA ASP D 8 26.95 9.68 -34.72
C ASP D 8 25.55 10.24 -34.92
N ASP D 9 25.24 10.62 -36.15
CA ASP D 9 23.95 11.18 -36.39
C ASP D 9 22.82 10.20 -36.21
N THR D 10 23.13 8.94 -35.97
CA THR D 10 22.07 7.96 -35.80
C THR D 10 21.81 7.71 -34.33
N VAL D 11 22.78 8.11 -33.49
CA VAL D 11 22.64 7.97 -32.03
C VAL D 11 21.72 9.07 -31.50
N LYS D 12 20.79 8.72 -30.63
CA LYS D 12 19.89 9.71 -30.07
C LYS D 12 20.00 9.71 -28.55
N MET D 13 19.46 10.77 -27.93
CA MET D 13 19.47 10.89 -26.48
C MET D 13 18.08 11.30 -26.02
N ILE D 14 17.70 10.84 -24.84
CA ILE D 14 16.45 11.26 -24.23
C ILE D 14 16.95 11.87 -22.93
N ILE D 15 16.59 13.12 -22.71
CA ILE D 15 17.03 13.88 -21.55
C ILE D 15 15.91 14.16 -20.60
N LEU D 16 16.03 13.61 -19.41
CA LEU D 16 15.00 13.74 -18.41
C LEU D 16 15.45 14.39 -17.12
N THR D 17 14.61 15.28 -16.61
CA THR D 17 14.88 15.93 -15.34
C THR D 17 13.52 16.09 -14.74
N ARG D 18 13.47 16.14 -13.42
CA ARG D 18 12.23 16.29 -12.69
C ARG D 18 11.17 17.10 -13.44
N GLU D 19 11.57 18.17 -14.13
CA GLU D 19 10.62 19.00 -14.89
C GLU D 19 10.93 19.07 -16.37
N ASN D 20 11.07 17.91 -17.00
CA ASN D 20 11.34 17.82 -18.41
C ASN D 20 11.17 16.38 -18.83
N LYS D 21 10.01 15.80 -18.50
CA LYS D 21 9.73 14.41 -18.85
C LYS D 21 9.51 14.19 -20.36
N LYS D 22 9.70 15.24 -21.14
CA LYS D 22 9.51 15.11 -22.57
C LYS D 22 10.31 13.90 -23.06
N HIS D 23 9.63 12.87 -23.53
CA HIS D 23 10.36 11.71 -24.03
C HIS D 23 10.82 11.93 -25.48
N ASP D 24 11.28 13.15 -25.76
CA ASP D 24 11.75 13.49 -27.10
C ASP D 24 13.18 13.07 -27.32
N PHE D 25 13.55 12.87 -28.58
CA PHE D 25 14.89 12.45 -28.92
C PHE D 25 15.71 13.60 -29.46
N TYR D 26 16.92 13.76 -28.96
CA TYR D 26 17.80 14.82 -29.42
C TYR D 26 19.06 14.19 -30.00
N THR D 27 19.89 14.98 -30.67
CA THR D 27 21.13 14.47 -31.22
C THR D 27 22.18 15.50 -30.87
N LEU D 28 23.44 15.25 -31.22
CA LEU D 28 24.46 16.24 -30.87
C LEU D 28 24.16 17.59 -31.49
N ASP D 29 23.10 17.64 -32.28
CA ASP D 29 22.71 18.89 -32.89
C ASP D 29 21.55 19.49 -32.14
N THR D 30 20.47 18.74 -32.01
CA THR D 30 19.28 19.24 -31.33
C THR D 30 19.39 19.31 -29.80
N ILE D 31 20.53 18.88 -29.27
CA ILE D 31 20.75 18.87 -27.83
C ILE D 31 20.64 20.25 -27.21
N LYS D 32 21.36 21.22 -27.79
CA LYS D 32 21.35 22.57 -27.28
C LYS D 32 19.94 23.17 -27.19
N LYS D 33 18.96 22.52 -27.80
CA LYS D 33 17.59 23.01 -27.73
C LYS D 33 16.83 22.56 -26.47
N HIS D 34 17.43 21.69 -25.66
CA HIS D 34 16.76 21.22 -24.43
C HIS D 34 16.83 22.30 -23.35
N ASN D 35 15.74 22.54 -22.64
CA ASN D 35 15.71 23.56 -21.58
C ASN D 35 16.91 23.51 -20.64
N GLU D 36 17.19 22.32 -20.11
CA GLU D 36 18.31 22.12 -19.21
C GLU D 36 19.63 22.52 -19.84
N PHE D 37 19.71 22.50 -21.17
CA PHE D 37 20.92 22.85 -21.90
C PHE D 37 20.96 24.31 -22.44
N LYS D 38 20.00 25.12 -22.00
CA LYS D 38 19.93 26.51 -22.42
C LYS D 38 20.69 27.34 -21.39
N LYS D 39 20.98 26.74 -20.25
CA LYS D 39 21.71 27.42 -19.19
C LYS D 39 23.17 27.38 -19.57
N SER D 40 24.01 28.12 -18.86
CA SER D 40 25.43 28.12 -19.19
C SER D 40 26.20 27.24 -18.22
N THR D 41 25.49 26.76 -17.20
CA THR D 41 26.06 25.87 -16.21
C THR D 41 24.99 24.91 -15.76
N ILE D 42 25.24 23.62 -15.93
CA ILE D 42 24.28 22.63 -15.52
C ILE D 42 24.74 22.25 -14.14
N LYS D 43 23.82 22.32 -13.20
CA LYS D 43 24.16 22.05 -11.82
C LYS D 43 23.79 20.68 -11.29
N HIS D 44 22.96 19.97 -12.05
CA HIS D 44 22.51 18.65 -11.66
C HIS D 44 23.60 17.58 -11.71
N GLN D 45 23.28 16.47 -11.06
CA GLN D 45 24.14 15.30 -11.09
C GLN D 45 23.68 14.73 -12.42
N VAL D 46 24.63 14.40 -13.28
CA VAL D 46 24.33 13.86 -14.57
C VAL D 46 24.57 12.37 -14.63
N VAL D 47 23.59 11.63 -15.12
CA VAL D 47 23.72 10.18 -15.27
C VAL D 47 23.27 9.68 -16.66
N PHE D 48 24.19 9.04 -17.39
CA PHE D 48 23.94 8.44 -18.70
C PHE D 48 23.44 7.02 -18.50
N ILE D 49 22.37 6.63 -19.19
CA ILE D 49 21.89 5.26 -19.12
C ILE D 49 21.94 4.71 -20.54
N THR D 50 22.60 3.56 -20.70
CA THR D 50 22.81 2.95 -22.02
C THR D 50 22.39 1.49 -22.14
N HIS D 51 21.52 1.20 -23.12
CA HIS D 51 21.02 -0.15 -23.33
C HIS D 51 22.04 -1.02 -24.06
N GLY D 52 21.77 -2.32 -24.11
CA GLY D 52 22.67 -3.24 -24.78
C GLY D 52 22.12 -3.80 -26.08
N PHE D 53 22.54 -5.01 -26.43
CA PHE D 53 22.13 -5.72 -27.63
C PHE D 53 20.62 -5.74 -27.92
N THR D 54 20.27 -5.44 -29.18
CA THR D 54 18.88 -5.41 -29.67
C THR D 54 17.87 -4.77 -28.72
N SER D 55 18.25 -3.65 -28.11
CA SER D 55 17.35 -2.98 -27.20
C SER D 55 17.23 -1.52 -27.57
N SER D 56 16.66 -0.72 -26.69
CA SER D 56 16.49 0.70 -26.97
C SER D 56 16.24 1.47 -25.68
N ALA D 57 16.54 2.76 -25.70
CA ALA D 57 16.40 3.61 -24.53
C ALA D 57 15.02 3.73 -23.89
N ASP D 58 13.96 3.67 -24.70
CA ASP D 58 12.64 3.88 -24.14
C ASP D 58 11.81 2.67 -23.81
N THR D 59 12.46 1.65 -23.27
CA THR D 59 11.80 0.44 -22.88
C THR D 59 11.36 0.73 -21.47
N GLU D 60 10.49 -0.11 -20.92
CA GLU D 60 10.00 0.13 -19.57
C GLU D 60 11.12 0.23 -18.51
N ASN D 61 11.93 -0.82 -18.38
CA ASN D 61 13.01 -0.92 -17.40
C ASN D 61 13.95 0.25 -17.34
N PHE D 62 14.42 0.69 -18.49
CA PHE D 62 15.30 1.83 -18.49
C PHE D 62 14.54 3.14 -18.19
N LEU D 63 13.30 3.29 -18.67
CA LEU D 63 12.59 4.54 -18.42
C LEU D 63 12.24 4.64 -16.94
N ALA D 64 12.07 3.47 -16.33
CA ALA D 64 11.77 3.40 -14.92
C ALA D 64 13.04 3.74 -14.14
N MET D 65 14.20 3.53 -14.74
CA MET D 65 15.46 3.83 -14.06
C MET D 65 15.69 5.33 -14.17
N ALA D 66 15.45 5.84 -15.36
CA ALA D 66 15.59 7.27 -15.60
C ALA D 66 14.65 8.01 -14.66
N LYS D 67 13.50 7.44 -14.33
CA LYS D 67 12.57 8.13 -13.43
C LYS D 67 12.95 8.03 -11.96
N ALA D 68 13.37 6.85 -11.55
CA ALA D 68 13.78 6.71 -10.17
C ALA D 68 14.92 7.72 -9.84
N LEU D 69 15.72 8.06 -10.86
CA LEU D 69 16.83 9.03 -10.71
C LEU D 69 16.32 10.49 -10.72
N SER D 70 15.63 10.89 -11.78
CA SER D 70 15.09 12.25 -11.91
C SER D 70 14.19 12.66 -10.74
N ASP D 71 13.39 11.73 -10.22
CA ASP D 71 12.53 12.07 -9.11
C ASP D 71 13.28 12.45 -7.83
N LYS D 72 14.59 12.20 -7.81
CA LYS D 72 15.34 12.55 -6.63
C LYS D 72 15.56 14.07 -6.56
N GLY D 73 15.54 14.76 -7.68
CA GLY D 73 15.73 16.18 -7.56
C GLY D 73 16.81 16.87 -8.34
N ASN D 74 18.08 16.56 -8.12
CA ASN D 74 19.10 17.27 -8.91
C ASN D 74 19.79 16.37 -9.88
N TYR D 75 19.01 15.55 -10.56
CA TYR D 75 19.53 14.62 -11.55
C TYR D 75 19.04 14.90 -12.95
N LEU D 76 19.99 14.99 -13.89
CA LEU D 76 19.69 15.19 -15.29
C LEU D 76 20.01 13.80 -15.87
N VAL D 77 19.03 13.15 -16.45
CA VAL D 77 19.25 11.82 -16.99
C VAL D 77 19.33 11.76 -18.49
N ILE D 78 20.46 11.24 -19.00
CA ILE D 78 20.69 11.09 -20.44
C ILE D 78 20.70 9.61 -20.85
N LEU D 79 19.60 9.19 -21.47
CA LEU D 79 19.50 7.81 -21.94
C LEU D 79 20.06 7.77 -23.34
N ILE D 80 21.11 6.97 -23.53
CA ILE D 80 21.75 6.82 -24.83
C ILE D 80 21.06 5.76 -25.69
N ASP D 81 20.55 6.19 -26.85
CA ASP D 81 19.86 5.27 -27.75
C ASP D 81 20.67 5.00 -29.01
N TRP D 82 21.02 3.73 -29.21
CA TRP D 82 21.80 3.32 -30.38
C TRP D 82 21.23 2.03 -30.93
N ARG D 83 19.90 1.92 -30.93
CA ARG D 83 19.22 0.71 -31.40
C ARG D 83 19.67 0.11 -32.75
N VAL D 84 20.12 0.95 -33.70
CA VAL D 84 20.56 0.40 -34.98
C VAL D 84 21.96 -0.17 -34.86
N ALA D 85 22.85 0.54 -34.18
CA ALA D 85 24.20 0.04 -34.04
C ALA D 85 24.17 -1.17 -33.11
N ALA D 86 23.03 -1.35 -32.43
CA ALA D 86 22.83 -2.47 -31.52
C ALA D 86 22.00 -3.57 -32.18
N CYS D 87 21.75 -3.38 -33.48
CA CYS D 87 20.99 -4.31 -34.31
C CYS D 87 19.53 -4.45 -33.91
N THR D 88 19.02 -3.52 -33.14
CA THR D 88 17.63 -3.63 -32.69
C THR D 88 16.71 -3.68 -33.90
N GLU D 89 16.89 -2.71 -34.78
CA GLU D 89 16.05 -2.58 -35.96
C GLU D 89 16.21 -3.57 -37.12
N GLU D 90 16.61 -4.80 -36.85
CA GLU D 90 16.73 -5.71 -37.98
C GLU D 90 16.92 -7.18 -37.67
N MET D 91 16.72 -7.59 -36.42
CA MET D 91 16.90 -9.01 -36.06
C MET D 91 16.29 -9.95 -37.10
N SER D 92 17.11 -10.27 -38.10
CA SER D 92 16.70 -11.13 -39.19
C SER D 92 17.63 -12.33 -39.32
N GLY D 93 17.49 -13.26 -38.35
CA GLY D 93 18.28 -14.47 -38.36
C GLY D 93 19.53 -14.58 -37.51
N ILE D 94 20.64 -14.83 -38.19
CA ILE D 94 21.97 -15.01 -37.61
C ILE D 94 22.34 -14.14 -36.40
N GLN D 95 21.93 -14.60 -35.22
CA GLN D 95 22.20 -13.86 -34.02
C GLN D 95 23.70 -13.66 -33.82
N LEU D 96 24.46 -14.74 -33.85
CA LEU D 96 25.91 -14.65 -33.62
C LEU D 96 26.69 -13.69 -34.53
N ALA D 97 26.23 -13.47 -35.74
CA ALA D 97 26.93 -12.51 -36.57
C ALA D 97 26.53 -11.11 -36.11
N TYR D 98 25.23 -10.90 -35.86
CA TYR D 98 24.74 -9.59 -35.43
C TYR D 98 25.39 -9.14 -34.13
N TYR D 99 25.35 -10.01 -33.13
CA TYR D 99 25.94 -9.71 -31.86
C TYR D 99 27.34 -9.16 -32.11
N SER D 100 28.13 -9.81 -32.98
CA SER D 100 29.49 -9.33 -33.23
C SER D 100 29.58 -7.90 -33.78
N TYR D 101 28.61 -7.46 -34.56
CA TYR D 101 28.67 -6.09 -35.06
C TYR D 101 28.31 -5.10 -33.93
N ALA D 102 27.32 -5.47 -33.12
CA ALA D 102 26.91 -4.62 -32.01
C ALA D 102 28.06 -4.46 -31.05
N ALA D 103 28.77 -5.57 -30.80
CA ALA D 103 29.90 -5.61 -29.86
C ALA D 103 30.99 -4.73 -30.36
N SER D 104 31.21 -4.78 -31.66
CA SER D 104 32.22 -3.94 -32.23
C SER D 104 31.82 -2.48 -32.07
N ASN D 105 30.53 -2.19 -32.25
CA ASN D 105 30.05 -0.80 -32.14
C ASN D 105 30.16 -0.18 -30.74
N THR D 106 30.44 -1.00 -29.74
CA THR D 106 30.53 -0.47 -28.39
C THR D 106 31.56 0.67 -28.20
N ARG D 107 32.79 0.55 -28.70
CA ARG D 107 33.73 1.66 -28.53
C ARG D 107 33.24 2.92 -29.24
N LEU D 108 32.53 2.78 -30.35
CA LEU D 108 32.01 3.95 -31.06
C LEU D 108 30.96 4.74 -30.21
N VAL D 109 29.99 4.01 -29.67
CA VAL D 109 28.98 4.63 -28.85
C VAL D 109 29.69 5.19 -27.62
N GLY D 110 30.75 4.50 -27.19
CA GLY D 110 31.50 4.95 -26.05
C GLY D 110 32.16 6.28 -26.33
N ASN D 111 32.72 6.42 -27.54
CA ASN D 111 33.37 7.65 -27.92
C ASN D 111 32.30 8.73 -28.01
N TYR D 112 31.13 8.35 -28.49
CA TYR D 112 30.01 9.28 -28.59
C TYR D 112 29.72 9.81 -27.18
N ILE D 113 29.58 8.92 -26.20
CA ILE D 113 29.27 9.35 -24.83
C ILE D 113 30.32 10.30 -24.27
N ALA D 114 31.58 9.99 -24.56
CA ALA D 114 32.71 10.79 -24.14
C ALA D 114 32.62 12.18 -24.80
N THR D 115 32.11 12.22 -26.02
CA THR D 115 31.99 13.49 -26.72
C THR D 115 30.96 14.38 -26.05
N VAL D 116 29.86 13.79 -25.59
CA VAL D 116 28.81 14.51 -24.87
C VAL D 116 29.38 14.89 -23.47
N THR D 117 30.29 14.10 -22.95
CA THR D 117 30.83 14.42 -21.64
C THR D 117 31.75 15.62 -21.74
N LYS D 118 32.58 15.64 -22.77
CA LYS D 118 33.53 16.74 -22.96
C LYS D 118 32.75 18.05 -23.07
N MET D 119 31.52 17.95 -23.55
CA MET D 119 30.68 19.12 -23.70
C MET D 119 30.09 19.53 -22.36
N LEU D 120 29.61 18.55 -21.60
CA LEU D 120 29.06 18.85 -20.29
C LEU D 120 30.16 19.55 -19.49
N VAL D 121 31.35 18.98 -19.55
CA VAL D 121 32.49 19.51 -18.83
C VAL D 121 32.92 20.92 -19.25
N GLN D 122 33.25 21.08 -20.53
CA GLN D 122 33.75 22.34 -21.08
C GLN D 122 32.74 23.48 -21.30
N LYS D 123 31.56 23.19 -21.81
CA LYS D 123 30.60 24.24 -22.05
C LYS D 123 29.56 24.46 -20.95
N TYR D 124 29.30 23.43 -20.14
CA TYR D 124 28.30 23.57 -19.06
C TYR D 124 28.90 23.52 -17.66
N ASN D 125 30.22 23.49 -17.60
CA ASN D 125 30.94 23.47 -16.33
C ASN D 125 30.64 22.29 -15.42
N VAL D 126 30.11 21.20 -15.96
CA VAL D 126 29.84 20.04 -15.11
C VAL D 126 31.13 19.38 -14.68
N PRO D 127 31.28 19.13 -13.37
CA PRO D 127 32.51 18.48 -12.92
C PRO D 127 32.38 16.95 -13.07
N MET D 128 33.45 16.29 -13.48
CA MET D 128 33.47 14.86 -13.66
C MET D 128 32.98 14.18 -12.40
N ALA D 129 33.19 14.81 -11.25
CA ALA D 129 32.72 14.22 -10.01
C ALA D 129 31.20 14.14 -10.02
N ASN D 130 30.57 14.95 -10.87
CA ASN D 130 29.12 14.98 -10.95
C ASN D 130 28.51 14.12 -12.04
N ILE D 131 29.35 13.34 -12.74
CA ILE D 131 28.89 12.46 -13.79
C ILE D 131 29.08 10.96 -13.54
N ARG D 132 28.03 10.20 -13.86
CA ARG D 132 28.03 8.75 -13.71
C ARG D 132 27.49 8.14 -14.99
N LEU D 133 27.95 6.93 -15.31
CA LEU D 133 27.44 6.21 -16.47
C LEU D 133 26.81 4.92 -15.94
N ILE D 134 25.70 4.50 -16.54
CA ILE D 134 25.07 3.24 -16.19
C ILE D 134 24.87 2.56 -17.56
N GLY D 135 25.11 1.25 -17.61
CA GLY D 135 25.01 0.53 -18.86
C GLY D 135 24.75 -0.94 -18.63
N HIS D 136 23.86 -1.49 -19.45
CA HIS D 136 23.47 -2.91 -19.43
C HIS D 136 24.12 -3.74 -20.55
N SER D 137 24.43 -5.01 -20.27
CA SER D 137 25.07 -5.92 -21.23
C SER D 137 26.11 -5.16 -22.12
N LEU D 138 25.94 -5.13 -23.43
CA LEU D 138 26.91 -4.41 -24.25
C LEU D 138 27.09 -2.96 -23.78
N GLY D 139 26.02 -2.40 -23.19
CA GLY D 139 26.05 -1.03 -22.74
C GLY D 139 27.12 -0.76 -21.70
N ALA D 140 27.36 -1.77 -20.87
CA ALA D 140 28.38 -1.70 -19.84
C ALA D 140 29.78 -1.52 -20.46
N HIS D 141 30.12 -2.33 -21.46
CA HIS D 141 31.43 -2.20 -22.11
C HIS D 141 31.50 -0.84 -22.82
N THR D 142 30.39 -0.43 -23.43
CA THR D 142 30.23 0.88 -24.09
C THR D 142 30.62 1.96 -23.07
N SER D 143 30.10 1.81 -21.86
CA SER D 143 30.38 2.76 -20.79
C SER D 143 31.86 2.74 -20.41
N GLY D 144 32.43 1.54 -20.35
CA GLY D 144 33.83 1.41 -20.02
C GLY D 144 34.65 2.10 -21.08
N PHE D 145 34.31 1.91 -22.36
CA PHE D 145 35.09 2.56 -23.39
C PHE D 145 34.96 4.08 -23.22
N ALA D 146 33.77 4.53 -22.88
CA ALA D 146 33.57 5.95 -22.67
C ALA D 146 34.49 6.45 -21.57
N GLY D 147 34.61 5.67 -20.51
CA GLY D 147 35.46 6.05 -19.40
C GLY D 147 36.91 6.09 -19.77
N LYS D 148 37.33 5.17 -20.65
CA LYS D 148 38.72 5.12 -21.13
C LYS D 148 38.92 6.30 -22.02
N LYS D 149 37.95 6.53 -22.90
CA LYS D 149 38.01 7.63 -23.82
C LYS D 149 38.23 9.01 -23.18
N VAL D 150 37.46 9.31 -22.12
CA VAL D 150 37.59 10.62 -21.45
C VAL D 150 38.95 10.84 -20.80
N GLN D 151 39.59 9.75 -20.41
CA GLN D 151 40.89 9.86 -19.79
C GLN D 151 41.89 10.21 -20.87
N GLU D 152 41.67 9.68 -22.06
CA GLU D 152 42.53 9.96 -23.17
C GLU D 152 42.29 11.40 -23.60
N LEU D 153 41.04 11.85 -23.48
CA LEU D 153 40.73 13.21 -23.86
C LEU D 153 41.26 14.25 -22.86
N GLY D 154 41.90 13.77 -21.79
CA GLY D 154 42.43 14.68 -20.78
C GLY D 154 41.44 15.26 -19.78
N LEU D 155 40.26 14.65 -19.63
CA LEU D 155 39.24 15.15 -18.69
C LEU D 155 39.34 14.50 -17.32
N GLY D 156 40.17 13.47 -17.20
CA GLY D 156 40.25 12.74 -15.95
C GLY D 156 39.20 11.62 -15.95
N LYS D 157 38.93 11.05 -14.78
CA LYS D 157 37.98 9.95 -14.70
C LYS D 157 36.61 10.37 -14.26
N TYR D 158 35.60 9.59 -14.69
CA TYR D 158 34.22 9.78 -14.33
C TYR D 158 34.23 9.40 -12.89
N SER D 159 33.29 9.93 -12.14
CA SER D 159 33.26 9.56 -10.74
C SER D 159 32.92 8.06 -10.61
N GLU D 160 32.06 7.56 -11.48
CA GLU D 160 31.64 6.19 -11.35
C GLU D 160 30.99 5.62 -12.58
N ILE D 161 31.18 4.33 -12.81
CA ILE D 161 30.51 3.68 -13.91
C ILE D 161 29.87 2.43 -13.34
N ILE D 162 28.59 2.27 -13.60
CA ILE D 162 27.85 1.13 -13.10
C ILE D 162 27.56 0.21 -14.26
N GLY D 163 28.04 -1.03 -14.13
CA GLY D 163 27.86 -2.02 -15.18
C GLY D 163 26.92 -3.12 -14.74
N LEU D 164 25.76 -3.11 -15.38
CA LEU D 164 24.73 -4.06 -15.05
C LEU D 164 24.85 -5.28 -15.96
N ASP D 165 25.25 -6.39 -15.34
CA ASP D 165 25.43 -7.68 -16.01
C ASP D 165 26.13 -7.54 -17.37
N PRO D 166 27.36 -7.01 -17.35
CA PRO D 166 28.20 -6.79 -18.54
C PRO D 166 28.26 -8.01 -19.44
N ALA D 167 27.99 -7.82 -20.74
CA ALA D 167 28.05 -8.93 -21.69
C ALA D 167 29.33 -9.75 -21.50
N GLY D 168 29.21 -11.08 -21.56
CA GLY D 168 30.37 -11.95 -21.40
C GLY D 168 30.90 -12.43 -22.74
N PRO D 169 30.05 -13.03 -23.59
CA PRO D 169 30.53 -13.49 -24.88
C PRO D 169 31.18 -12.32 -25.57
N SER D 170 32.42 -12.52 -26.02
CA SER D 170 33.25 -11.53 -26.74
C SER D 170 34.03 -10.58 -25.84
N PHE D 171 33.85 -10.65 -24.52
CA PHE D 171 34.56 -9.73 -23.64
C PHE D 171 35.17 -10.36 -22.39
N LYS D 172 34.54 -11.41 -21.87
CA LYS D 172 35.00 -12.02 -20.62
C LYS D 172 36.52 -12.23 -20.49
N SER D 173 37.19 -12.64 -21.57
CA SER D 173 38.62 -12.83 -21.46
C SER D 173 39.41 -11.75 -22.21
N ASN D 174 38.87 -10.56 -22.33
CA ASN D 174 39.63 -9.52 -23.01
C ASN D 174 40.63 -8.87 -22.05
N ASP D 175 41.52 -8.07 -22.63
CA ASP D 175 42.51 -7.33 -21.89
C ASP D 175 41.67 -6.21 -21.29
N CYS D 176 42.21 -5.52 -20.32
CA CYS D 176 41.44 -4.49 -19.71
C CYS D 176 41.05 -3.41 -20.69
N SER D 177 41.81 -3.25 -21.76
CA SER D 177 41.54 -2.20 -22.75
C SER D 177 40.42 -2.48 -23.69
N GLU D 178 39.99 -3.73 -23.76
CA GLU D 178 38.91 -4.10 -24.68
C GLU D 178 37.58 -4.56 -24.04
N ARG D 179 37.32 -4.12 -22.80
CA ARG D 179 36.08 -4.47 -22.08
C ARG D 179 35.91 -3.45 -20.98
N ILE D 180 34.80 -3.51 -20.23
CA ILE D 180 34.63 -2.59 -19.12
C ILE D 180 35.67 -3.10 -18.14
N CYS D 181 36.30 -2.18 -17.42
CA CYS D 181 37.41 -2.53 -16.56
C CYS D 181 37.39 -1.72 -15.28
N LYS D 182 37.97 -2.25 -14.20
CA LYS D 182 37.95 -1.55 -12.93
C LYS D 182 38.68 -0.18 -12.95
N THR D 183 39.50 0.09 -13.96
CA THR D 183 40.17 1.40 -14.02
C THR D 183 39.47 2.42 -14.92
N ASP D 184 38.29 2.10 -15.43
CA ASP D 184 37.61 3.05 -16.29
C ASP D 184 36.95 4.20 -15.55
N ALA D 185 36.99 4.20 -14.22
CA ALA D 185 36.38 5.27 -13.42
C ALA D 185 36.96 5.23 -12.02
N HIS D 186 36.70 6.25 -11.21
CA HIS D 186 37.23 6.24 -9.85
C HIS D 186 36.62 5.10 -9.08
N TYR D 187 35.42 4.70 -9.51
CA TYR D 187 34.71 3.58 -8.88
C TYR D 187 33.93 2.88 -9.95
N VAL D 188 34.03 1.55 -9.99
CA VAL D 188 33.34 0.74 -10.98
C VAL D 188 32.56 -0.34 -10.29
N GLN D 189 31.24 -0.19 -10.35
CA GLN D 189 30.29 -1.10 -9.72
C GLN D 189 29.66 -2.03 -10.75
N ILE D 190 29.92 -3.32 -10.56
CA ILE D 190 29.41 -4.35 -11.48
C ILE D 190 28.39 -5.23 -10.80
N ILE D 191 27.24 -5.42 -11.45
CA ILE D 191 26.17 -6.27 -10.93
C ILE D 191 26.12 -7.51 -11.84
N HIS D 192 26.28 -8.70 -11.24
CA HIS D 192 26.28 -9.96 -11.99
C HIS D 192 24.97 -10.71 -11.78
N THR D 193 24.31 -11.10 -12.86
CA THR D 193 23.02 -11.80 -12.68
C THR D 193 22.84 -13.00 -13.63
N SER D 194 23.63 -13.09 -14.70
CA SER D 194 23.52 -14.24 -15.59
C SER D 194 24.94 -14.68 -16.01
N ASN D 195 25.16 -15.99 -16.19
CA ASN D 195 26.49 -16.45 -16.55
C ASN D 195 26.75 -16.90 -18.00
N HIS D 196 25.75 -16.80 -18.86
CA HIS D 196 25.97 -17.15 -20.26
C HIS D 196 25.92 -15.87 -21.09
N LEU D 197 24.94 -15.01 -20.86
CA LEU D 197 24.83 -13.74 -21.57
C LEU D 197 25.76 -12.76 -20.84
N GLY D 198 25.83 -12.88 -19.51
CA GLY D 198 26.68 -12.04 -18.69
C GLY D 198 27.90 -12.90 -18.43
N THR D 199 28.75 -12.47 -17.52
CA THR D 199 29.93 -13.20 -17.17
C THR D 199 30.22 -13.19 -15.69
N LEU D 200 30.69 -14.31 -15.15
CA LEU D 200 31.03 -14.37 -13.73
C LEU D 200 32.38 -13.71 -13.37
N VAL D 201 33.21 -13.45 -14.37
CA VAL D 201 34.51 -12.86 -14.16
C VAL D 201 34.45 -11.48 -13.50
N THR D 202 35.41 -11.21 -12.63
CA THR D 202 35.48 -9.94 -11.89
C THR D 202 35.82 -8.76 -12.81
N LEU D 203 35.07 -7.68 -12.67
CA LEU D 203 35.28 -6.59 -13.58
C LEU D 203 35.41 -5.24 -12.98
N GLY D 204 35.19 -5.13 -11.68
CA GLY D 204 35.24 -3.78 -11.15
C GLY D 204 35.83 -3.61 -9.78
N THR D 205 35.55 -2.45 -9.22
CA THR D 205 35.99 -2.04 -7.91
C THR D 205 35.30 -2.98 -6.98
N VAL D 206 34.00 -3.17 -7.22
CA VAL D 206 33.17 -4.06 -6.44
C VAL D 206 32.30 -4.84 -7.42
N ASP D 207 32.27 -6.17 -7.29
CA ASP D 207 31.44 -7.04 -8.12
C ASP D 207 30.38 -7.70 -7.22
N PHE D 208 29.13 -7.34 -7.46
CA PHE D 208 28.01 -7.89 -6.71
C PHE D 208 27.49 -9.08 -7.51
N MET D 209 27.55 -10.23 -6.86
CA MET D 209 27.13 -11.49 -7.48
C MET D 209 25.81 -11.86 -6.82
N ASN D 210 24.74 -11.41 -7.45
CA ASN D 210 23.39 -11.68 -7.01
C ASN D 210 23.26 -13.16 -7.48
N ASN D 211 24.15 -13.99 -6.88
CA ASN D 211 24.37 -15.46 -7.06
C ASN D 211 25.63 -15.91 -7.87
N GLY D 212 25.89 -15.50 -9.12
CA GLY D 212 25.07 -14.60 -9.93
C GLY D 212 24.71 -15.20 -11.30
N TYR D 213 23.70 -16.05 -11.29
CA TYR D 213 23.19 -16.72 -12.49
C TYR D 213 21.84 -17.27 -12.06
N ASN D 214 21.03 -17.72 -13.02
CA ASN D 214 19.70 -18.30 -12.75
C ASN D 214 18.89 -17.55 -11.69
N GLN D 215 18.62 -16.28 -11.95
CA GLN D 215 17.87 -15.45 -11.01
C GLN D 215 16.58 -16.12 -10.57
N PRO D 216 16.23 -15.98 -9.29
CA PRO D 216 15.02 -16.55 -8.72
C PRO D 216 13.76 -15.93 -9.32
N GLY D 217 12.82 -16.77 -9.74
CA GLY D 217 11.60 -16.27 -10.32
C GLY D 217 11.70 -16.07 -11.81
N CYS D 218 12.86 -16.36 -12.37
CA CYS D 218 13.05 -16.20 -13.81
C CYS D 218 12.80 -17.50 -14.59
N GLY D 219 12.50 -18.58 -13.86
CA GLY D 219 12.23 -19.82 -14.55
C GLY D 219 13.41 -20.76 -14.61
N LEU D 220 13.38 -21.71 -15.53
CA LEU D 220 14.45 -22.69 -15.66
C LEU D 220 15.77 -22.13 -16.17
N PRO D 221 16.87 -22.73 -15.72
CA PRO D 221 18.26 -22.41 -16.02
C PRO D 221 18.61 -21.67 -17.28
N LEU D 222 18.28 -22.22 -18.44
CA LEU D 222 18.65 -21.54 -19.68
C LEU D 222 17.43 -20.90 -20.30
N ILE D 223 16.27 -21.45 -20.00
CA ILE D 223 15.08 -20.87 -20.56
C ILE D 223 14.88 -19.48 -19.96
N GLY D 224 15.38 -19.28 -18.73
CA GLY D 224 15.22 -17.98 -18.09
C GLY D 224 16.43 -17.07 -18.13
N GLU D 225 17.37 -17.34 -19.05
CA GLU D 225 18.59 -16.55 -19.21
C GLU D 225 18.33 -15.09 -19.58
N THR D 226 17.50 -14.86 -20.57
CA THR D 226 17.17 -13.50 -20.96
C THR D 226 16.60 -12.69 -19.77
N CYS D 227 15.80 -13.33 -18.94
CA CYS D 227 15.23 -12.67 -17.79
C CYS D 227 16.33 -12.36 -16.76
N SER D 228 17.12 -13.38 -16.42
CA SER D 228 18.18 -13.21 -15.45
C SER D 228 19.07 -12.06 -15.85
N HIS D 229 19.37 -12.01 -17.13
CA HIS D 229 20.21 -10.96 -17.69
C HIS D 229 19.56 -9.59 -17.54
N THR D 230 18.25 -9.51 -17.74
CA THR D 230 17.53 -8.24 -17.58
C THR D 230 17.36 -7.85 -16.09
N ARG D 231 17.27 -8.85 -15.19
CA ARG D 231 17.15 -8.57 -13.76
C ARG D 231 18.15 -7.53 -13.21
N ALA D 232 19.35 -7.47 -13.79
CA ALA D 232 20.33 -6.50 -13.31
C ALA D 232 19.81 -5.07 -13.51
N VAL D 233 19.09 -4.80 -14.58
CA VAL D 233 18.62 -3.44 -14.71
C VAL D 233 17.54 -3.19 -13.65
N LYS D 234 16.67 -4.15 -13.41
CA LYS D 234 15.65 -3.97 -12.42
C LYS D 234 16.21 -3.93 -10.99
N TYR D 235 17.16 -4.79 -10.68
CA TYR D 235 17.67 -4.78 -9.34
C TYR D 235 18.26 -3.41 -9.00
N PHE D 236 19.06 -2.85 -9.90
CA PHE D 236 19.66 -1.58 -9.61
C PHE D 236 18.62 -0.47 -9.40
N THR D 237 17.64 -0.41 -10.32
CA THR D 237 16.55 0.58 -10.25
C THR D 237 15.91 0.58 -8.86
N GLU D 238 15.59 -0.62 -8.37
CA GLU D 238 15.00 -0.79 -7.06
C GLU D 238 15.96 -0.32 -5.97
N CYS D 239 17.27 -0.41 -6.24
CA CYS D 239 18.21 0.01 -5.22
C CYS D 239 18.27 1.51 -5.22
N ILE D 240 17.91 2.11 -6.34
CA ILE D 240 17.89 3.56 -6.48
C ILE D 240 16.69 4.06 -5.68
N LYS D 241 15.54 3.43 -5.90
CA LYS D 241 14.32 3.79 -5.20
C LYS D 241 14.40 3.56 -3.68
N HIS D 242 14.84 2.38 -3.23
CA HIS D 242 14.92 2.08 -1.80
C HIS D 242 16.37 1.80 -1.35
N GLU D 243 16.98 2.76 -0.65
CA GLU D 243 18.36 2.59 -0.20
C GLU D 243 18.56 1.32 0.63
N CYS D 244 19.55 0.55 0.23
CA CYS D 244 19.91 -0.70 0.90
C CYS D 244 18.95 -1.85 0.65
N CYS D 245 18.17 -1.68 -0.41
CA CYS D 245 17.22 -2.70 -0.82
C CYS D 245 17.95 -4.03 -0.92
N LEU D 246 19.17 -3.91 -1.43
CA LEU D 246 20.06 -5.03 -1.67
C LEU D 246 21.41 -4.81 -1.04
N ILE D 247 21.66 -5.58 0.02
CA ILE D 247 22.91 -5.54 0.74
C ILE D 247 23.76 -6.73 0.32
N GLY D 248 25.05 -6.49 0.12
CA GLY D 248 25.96 -7.55 -0.28
C GLY D 248 26.95 -7.88 0.81
N VAL D 249 27.17 -9.17 1.01
CA VAL D 249 28.08 -9.67 2.04
C VAL D 249 29.36 -10.15 1.37
N PRO D 250 30.53 -9.96 2.01
CA PRO D 250 31.76 -10.40 1.36
C PRO D 250 31.61 -11.81 0.85
N GLN D 251 31.87 -11.97 -0.45
CA GLN D 251 31.75 -13.25 -1.12
C GLN D 251 32.43 -14.33 -0.25
N SER D 252 31.59 -15.27 0.22
CA SER D 252 32.01 -16.39 1.07
C SER D 252 31.42 -17.72 0.51
N LYS D 253 32.14 -18.81 0.69
CA LYS D 253 31.63 -20.09 0.23
C LYS D 253 30.50 -20.42 1.21
N LYS D 254 30.49 -19.69 2.31
CA LYS D 254 29.49 -19.85 3.37
C LYS D 254 29.18 -18.41 3.78
N PRO D 255 28.40 -17.70 2.95
CA PRO D 255 28.04 -16.31 3.23
C PRO D 255 27.22 -16.14 4.50
N GLN D 256 27.61 -15.14 5.29
CA GLN D 256 26.94 -14.79 6.53
C GLN D 256 25.62 -14.11 6.12
N PRO D 257 24.61 -14.14 6.99
CA PRO D 257 23.35 -13.49 6.59
C PRO D 257 23.45 -11.98 6.54
N VAL D 258 22.62 -11.38 5.69
CA VAL D 258 22.61 -9.93 5.56
C VAL D 258 22.25 -9.28 6.90
N SER D 259 21.44 -9.96 7.70
CA SER D 259 21.01 -9.41 9.00
C SER D 259 22.17 -9.11 9.96
N LYS D 260 23.30 -9.79 9.74
CA LYS D 260 24.45 -9.60 10.59
C LYS D 260 25.41 -8.53 10.06
N CYS D 261 25.05 -7.91 8.94
CA CYS D 261 25.91 -6.90 8.33
C CYS D 261 26.12 -5.57 9.08
N THR D 262 27.27 -4.95 8.85
CA THR D 262 27.58 -3.63 9.41
C THR D 262 28.19 -2.97 8.19
N ARG D 263 28.21 -1.64 8.18
CA ARG D 263 28.76 -0.89 7.06
C ARG D 263 30.24 -1.16 6.86
N ASN D 264 30.87 -1.83 7.82
CA ASN D 264 32.29 -2.10 7.70
C ASN D 264 32.69 -3.29 6.83
N GLU D 265 31.81 -4.27 6.67
CA GLU D 265 32.14 -5.40 5.80
C GLU D 265 31.11 -5.56 4.69
N CYS D 266 29.94 -4.96 4.87
CA CYS D 266 28.94 -5.06 3.81
C CYS D 266 28.75 -3.76 3.04
N VAL D 267 28.03 -3.85 1.92
CA VAL D 267 27.82 -2.69 1.07
C VAL D 267 26.40 -2.71 0.50
N CYS D 268 25.81 -1.53 0.39
CA CYS D 268 24.47 -1.46 -0.18
C CYS D 268 24.67 -1.13 -1.63
N VAL D 269 24.31 -2.08 -2.48
CA VAL D 269 24.35 -1.91 -3.94
C VAL D 269 23.58 -0.62 -4.24
N GLY D 270 24.11 0.25 -5.08
CA GLY D 270 23.39 1.48 -5.38
C GLY D 270 24.21 2.65 -5.87
N LEU D 271 23.66 3.86 -5.78
CA LEU D 271 24.41 5.04 -6.20
C LEU D 271 25.50 5.38 -5.16
N ASN D 272 25.30 4.93 -3.94
CA ASN D 272 26.24 5.21 -2.87
C ASN D 272 27.01 3.99 -2.40
N ALA D 273 27.22 3.03 -3.28
CA ALA D 273 28.00 1.88 -2.85
C ALA D 273 29.39 2.39 -2.49
N LYS D 274 29.95 3.29 -3.30
CA LYS D 274 31.29 3.78 -3.00
C LYS D 274 31.44 4.52 -1.64
N THR D 275 30.33 4.77 -0.94
CA THR D 275 30.44 5.42 0.38
C THR D 275 30.75 4.34 1.42
N TYR D 276 30.77 3.08 0.97
CA TYR D 276 31.10 1.94 1.80
C TYR D 276 32.56 1.55 1.50
N PRO D 277 33.37 1.33 2.56
CA PRO D 277 34.77 0.95 2.34
C PRO D 277 35.05 -0.43 1.81
N LYS D 278 34.30 -1.44 2.22
CA LYS D 278 34.61 -2.77 1.73
C LYS D 278 34.54 -2.72 0.21
N THR D 279 35.48 -3.43 -0.42
CA THR D 279 35.67 -3.51 -1.86
C THR D 279 35.74 -4.99 -2.23
N GLY D 280 35.77 -5.32 -3.51
CA GLY D 280 35.88 -6.71 -3.92
C GLY D 280 34.60 -7.40 -4.35
N SER D 281 34.51 -8.71 -4.12
CA SER D 281 33.33 -9.49 -4.50
C SER D 281 32.37 -9.69 -3.36
N PHE D 282 31.07 -9.53 -3.63
CA PHE D 282 30.06 -9.73 -2.60
C PHE D 282 28.96 -10.64 -3.10
N TYR D 283 28.37 -11.35 -2.15
CA TYR D 283 27.29 -12.23 -2.44
C TYR D 283 26.07 -11.39 -2.15
N VAL D 284 25.04 -11.51 -2.98
CA VAL D 284 23.80 -10.75 -2.78
C VAL D 284 22.55 -11.61 -2.95
N PRO D 285 22.02 -12.16 -1.84
CA PRO D 285 20.82 -12.99 -1.89
C PRO D 285 19.72 -12.09 -2.40
N VAL D 286 18.74 -12.64 -3.12
CA VAL D 286 17.64 -11.85 -3.66
C VAL D 286 16.31 -12.58 -3.54
N GLU D 287 15.21 -11.85 -3.61
CA GLU D 287 13.86 -12.45 -3.55
C GLU D 287 13.33 -12.62 -4.98
N SER D 288 12.29 -13.43 -5.16
CA SER D 288 11.72 -13.73 -6.48
C SER D 288 10.78 -12.76 -7.18
N LYS D 289 10.40 -11.66 -6.53
CA LYS D 289 9.47 -10.72 -7.12
C LYS D 289 9.85 -9.29 -6.78
N ALA D 290 9.56 -8.34 -7.66
CA ALA D 290 9.88 -6.97 -7.35
C ALA D 290 9.34 -6.70 -5.96
N PRO D 291 10.06 -5.92 -5.14
CA PRO D 291 11.34 -5.26 -5.43
C PRO D 291 12.60 -6.08 -5.09
N TYR D 292 12.45 -7.38 -4.94
CA TYR D 292 13.58 -8.25 -4.67
C TYR D 292 14.44 -7.99 -3.44
N CYS D 293 14.32 -6.81 -2.81
CA CYS D 293 15.17 -6.48 -1.65
C CYS D 293 15.44 -7.63 -0.68
N ASN D 294 16.64 -7.64 -0.10
CA ASN D 294 17.05 -8.70 0.84
C ASN D 294 17.13 -8.32 2.32
N ASN D 295 16.52 -7.22 2.74
CA ASN D 295 16.54 -6.78 4.15
C ASN D 295 16.01 -5.36 4.34
N LYS D 296 15.19 -5.21 5.38
CA LYS D 296 14.55 -3.94 5.80
C LYS D 296 15.53 -2.95 6.45
N GLY D 297 16.59 -3.49 7.07
CA GLY D 297 17.59 -2.68 7.72
C GLY D 297 18.41 -1.84 6.78
N LYS D 298 19.03 -0.80 7.30
CA LYS D 298 19.85 0.08 6.50
C LYS D 298 21.18 0.13 7.20
N ILE D 299 22.27 0.30 6.46
CA ILE D 299 23.60 0.33 7.05
C ILE D 299 24.43 1.44 6.43
CL CL E . -13.51 -3.14 -1.70
CL CL F . -12.95 -8.30 -1.19
CL CL G . -9.61 0.19 5.14
CL CL H . -7.85 2.58 3.80
CL CL I . -6.18 -0.76 2.65
HG HG J . -11.67 -3.71 1.07
CL CL K . -4.37 -1.17 -3.43
CL CL L . -11.72 -5.60 -1.71
CL CL M . 2.83 -5.15 -8.20
CL CL N . 0.94 -3.08 -6.48
CL CL O . -6.28 -1.91 -1.06
CL CL P . 0.52 -3.35 0.79
CL CL Q . -10.41 -8.22 -2.38
CL CL R . 2.32 -0.40 -3.43
CL CL S . -0.55 -0.77 -0.42
CL CL T . 3.42 -4.16 -5.38
CL CL U . 3.27 2.08 -4.45
CL CL V . -8.38 1.01 -3.28
HG HG W . -12.89 -7.13 -4.07
CL CL X . 6.21 3.47 0.02
CL CL Y . 3.62 1.95 -1.17
CL CL Z . -1.10 3.77 5.85
CL CL AA . 5.73 0.64 1.43
HG HG BA . 3.72 2.97 1.86
CL CL CA . 11.50 2.02 -0.01
CL CL DA . 7.31 -2.23 -6.43
CL CL EA . 9.37 0.13 -4.89
#